data_8FGC
#
_entry.id   8FGC
#
_cell.length_a   52.098
_cell.length_b   111.356
_cell.length_c   164.401
_cell.angle_alpha   90.00
_cell.angle_beta   90.00
_cell.angle_gamma   90.00
#
_symmetry.space_group_name_H-M   'P 21 21 21'
#
loop_
_entity.id
_entity.type
_entity.pdbx_description
1 polymer 'Nitric oxide synthase, brain'
2 non-polymer 'PROTOPORPHYRIN IX CONTAINING FE'
3 non-polymer 5,6,7,8-TETRAHYDROBIOPTERIN
4 non-polymer 6-{2-[5-(2-aminoethyl)-2,3-difluorophenyl]ethyl}-4-methylpyridin-2-amine
5 non-polymer 'ACETATE ION'
6 non-polymer 'ZINC ION'
7 water water
#
_entity_poly.entity_id   1
_entity_poly.type   'polypeptide(L)'
_entity_poly.pdbx_seq_one_letter_code
;CPRFLKVKNWETDVVLTDTLHLKSTLETGCTEHICMGSIMLPSQHTRKPEDVRTKDQLFPLAKEFLDQYYSSIKRFGSKA
HMDRLEEVNKEIESTSTYQLKDTELIYGAKHAWRNASRCVGRIQWSKLQVFDARDCTTAHGMFNYICNHVKYATNKGNLR
SAITIFPQRTDGKHDFRVWNSQLIRYAGYKQPDGSTLGDPANVQFTEICIQQGWKAPRGRFDVLPLLLQANGNDPELFQI
PPELVLEVPIRHPKFDWFKDLGLKWYGLPAVSNMLLEIGGLEFSACPFSGWYMGTEIGVRDYCDNSRYNILEEVAKKMDL
DMRKTSSLWKDQALVEINIAVLYSFQSDKVTIVDHHSATESFIKHMENEYRCRGGCPADWVWIVPPMSGSITPVFHQEML
NYRLTPSFEYQPDPWNTHVWKG
;
_entity_poly.pdbx_strand_id   A,B
#
loop_
_chem_comp.id
_chem_comp.type
_chem_comp.name
_chem_comp.formula
ACT non-polymer 'ACETATE ION' 'C2 H3 O2 -1'
H4B non-polymer 5,6,7,8-TETRAHYDROBIOPTERIN 'C9 H15 N5 O3'
HEM non-polymer 'PROTOPORPHYRIN IX CONTAINING FE' 'C34 H32 Fe N4 O4'
XVZ non-polymer 6-{2-[5-(2-aminoethyl)-2,3-difluorophenyl]ethyl}-4-methylpyridin-2-amine 'C16 H19 F2 N3'
ZN non-polymer 'ZINC ION' 'Zn 2'
#
# COMPACT_ATOMS: atom_id res chain seq x y z
N ARG A 3 -6.00 -15.58 16.78
CA ARG A 3 -4.85 -15.72 17.67
C ARG A 3 -3.72 -16.50 16.98
N PHE A 4 -4.08 -17.28 15.97
CA PHE A 4 -3.14 -18.01 15.11
C PHE A 4 -3.48 -17.61 13.66
N LEU A 5 -3.02 -16.42 13.28
CA LEU A 5 -3.54 -15.69 12.12
C LEU A 5 -3.05 -16.28 10.80
N LYS A 6 -3.82 -16.04 9.75
CA LYS A 6 -3.53 -16.52 8.40
C LYS A 6 -3.27 -15.36 7.46
N VAL A 7 -2.29 -15.52 6.57
CA VAL A 7 -2.06 -14.59 5.48
C VAL A 7 -2.19 -15.36 4.18
N LYS A 8 -2.78 -14.71 3.19
CA LYS A 8 -3.05 -15.33 1.90
C LYS A 8 -2.32 -14.56 0.81
N ASN A 9 -1.76 -15.29 -0.15
CA ASN A 9 -1.27 -14.70 -1.38
C ASN A 9 -2.35 -14.91 -2.43
N TRP A 10 -2.84 -13.82 -3.00
CA TRP A 10 -4.01 -13.93 -3.88
C TRP A 10 -3.63 -14.28 -5.31
N GLU A 11 -2.34 -14.22 -5.64
CA GLU A 11 -1.86 -14.64 -6.96
C GLU A 11 -1.66 -16.15 -7.02
N THR A 12 -1.19 -16.75 -5.92
CA THR A 12 -0.83 -18.16 -5.86
C THR A 12 -1.68 -18.98 -4.90
N ASP A 13 -2.58 -18.35 -4.14
CA ASP A 13 -3.45 -19.01 -3.17
C ASP A 13 -2.70 -19.67 -2.02
N VAL A 14 -1.37 -19.51 -1.96
CA VAL A 14 -0.62 -20.01 -0.82
C VAL A 14 -1.07 -19.29 0.44
N VAL A 15 -1.37 -20.06 1.49
CA VAL A 15 -1.77 -19.52 2.78
C VAL A 15 -0.75 -19.93 3.82
N LEU A 16 -0.26 -18.96 4.59
CA LEU A 16 0.68 -19.16 5.67
C LEU A 16 0.03 -18.79 7.00
N THR A 17 0.45 -19.48 8.06
CA THR A 17 -0.08 -19.27 9.40
C THR A 17 0.96 -18.57 10.26
N ASP A 18 0.57 -17.46 10.87
CA ASP A 18 1.49 -16.61 11.62
C ASP A 18 1.29 -16.83 13.11
N THR A 19 2.30 -17.37 13.78
CA THR A 19 2.26 -17.47 15.24
C THR A 19 3.28 -16.57 15.92
N LEU A 20 4.18 -15.96 15.15
CA LEU A 20 5.24 -15.12 15.74
C LEU A 20 4.67 -13.83 16.31
N HIS A 21 3.53 -13.37 15.80
CA HIS A 21 3.00 -12.09 16.25
C HIS A 21 2.61 -12.08 17.73
N LEU A 22 2.34 -13.25 18.30
CA LEU A 22 2.04 -13.30 19.74
C LEU A 22 3.23 -12.91 20.60
N LYS A 23 4.43 -12.91 20.04
CA LYS A 23 5.59 -12.35 20.73
C LYS A 23 5.81 -10.88 20.40
N SER A 24 4.82 -10.21 19.79
CA SER A 24 4.90 -8.78 19.57
C SER A 24 4.80 -8.04 20.90
N THR A 25 5.28 -6.80 20.89
CA THR A 25 5.44 -6.08 22.15
C THR A 25 4.90 -4.65 22.10
N LEU A 26 5.60 -3.74 21.44
CA LEU A 26 5.20 -2.34 21.44
C LEU A 26 3.97 -2.13 20.56
N GLU A 27 3.48 -0.88 20.50
CA GLU A 27 2.26 -0.54 19.79
C GLU A 27 2.48 -0.53 18.28
N THR A 28 1.37 -0.69 17.53
CA THR A 28 1.35 -0.49 16.08
C THR A 28 0.88 0.90 15.69
N GLY A 29 0.20 1.61 16.58
CA GLY A 29 -0.52 2.81 16.22
C GLY A 29 -1.97 2.60 15.86
N CYS A 30 -2.37 1.36 15.57
CA CYS A 30 -3.74 1.03 15.17
C CYS A 30 -4.58 0.64 16.39
N THR A 31 -5.90 0.67 16.19
CA THR A 31 -6.87 0.13 17.15
C THR A 31 -7.94 -0.62 16.36
N GLU A 32 -8.87 -1.25 17.08
CA GLU A 32 -10.01 -1.87 16.42
C GLU A 32 -10.93 -0.84 15.76
N HIS A 33 -10.74 0.44 16.06
CA HIS A 33 -11.55 1.48 15.47
C HIS A 33 -10.85 2.24 14.35
N ILE A 34 -9.53 2.31 14.36
CA ILE A 34 -8.86 3.06 13.30
C ILE A 34 -7.55 2.41 12.95
N CYS A 35 -7.32 2.19 11.66
CA CYS A 35 -6.07 1.67 11.14
C CYS A 35 -5.19 2.83 10.72
N MET A 36 -3.97 2.88 11.26
CA MET A 36 -2.99 3.88 10.91
C MET A 36 -1.88 3.31 10.04
N GLY A 37 -2.14 2.23 9.32
CA GLY A 37 -1.13 1.56 8.50
C GLY A 37 -0.38 2.42 7.51
N SER A 38 -0.94 3.57 7.14
CA SER A 38 -0.31 4.44 6.14
C SER A 38 0.32 5.68 6.75
N ILE A 39 0.35 5.78 8.08
CA ILE A 39 0.97 6.91 8.76
C ILE A 39 2.48 6.66 8.86
N MET A 40 3.27 7.65 8.42
CA MET A 40 4.72 7.42 8.30
C MET A 40 5.37 7.28 9.67
N LEU A 41 5.01 8.12 10.63
CA LEU A 41 5.52 8.02 12.01
C LEU A 41 4.36 8.14 12.99
N PRO A 42 3.88 7.04 13.55
CA PRO A 42 3.09 7.16 14.78
C PRO A 42 3.89 7.89 15.85
N SER A 43 3.35 9.00 16.34
CA SER A 43 4.11 9.90 17.22
C SER A 43 4.27 9.32 18.63
N VAL A 52 15.38 8.07 30.25
CA VAL A 52 16.10 6.81 30.12
C VAL A 52 15.42 5.75 30.97
N ARG A 53 15.74 4.48 30.70
CA ARG A 53 15.04 3.36 31.33
C ARG A 53 15.37 3.26 32.81
N THR A 54 14.34 3.30 33.65
CA THR A 54 14.52 3.05 35.07
C THR A 54 14.90 1.58 35.29
N LYS A 55 15.32 1.27 36.52
CA LYS A 55 15.93 -0.03 36.78
C LYS A 55 14.95 -1.18 36.56
N ASP A 56 13.67 -0.99 36.95
CA ASP A 56 12.67 -2.01 36.71
C ASP A 56 12.51 -2.26 35.22
N GLN A 57 12.15 -1.22 34.46
CA GLN A 57 11.96 -1.30 33.03
C GLN A 57 13.07 -2.08 32.33
N LEU A 58 14.29 -1.98 32.85
CA LEU A 58 15.44 -2.49 32.13
C LEU A 58 15.61 -4.01 32.26
N PHE A 59 15.29 -4.60 33.41
CA PHE A 59 15.65 -6.01 33.56
C PHE A 59 14.76 -6.98 32.77
N PRO A 60 13.43 -6.80 32.70
CA PRO A 60 12.64 -7.69 31.83
C PRO A 60 13.00 -7.57 30.37
N LEU A 61 13.30 -6.35 29.91
CA LEU A 61 13.80 -6.18 28.56
C LEU A 61 15.09 -6.97 28.36
N ALA A 62 16.01 -6.88 29.33
CA ALA A 62 17.22 -7.69 29.28
C ALA A 62 16.89 -9.17 29.33
N LYS A 63 15.92 -9.56 30.17
CA LYS A 63 15.58 -10.97 30.31
C LYS A 63 14.97 -11.52 29.03
N GLU A 64 14.01 -10.77 28.44
CA GLU A 64 13.39 -11.22 27.20
C GLU A 64 14.43 -11.42 26.11
N PHE A 65 15.39 -10.50 26.02
CA PHE A 65 16.42 -10.61 25.00
C PHE A 65 17.33 -11.80 25.26
N LEU A 66 17.80 -11.96 26.50
CA LEU A 66 18.71 -13.06 26.80
C LEU A 66 18.01 -14.41 26.67
N ASP A 67 16.71 -14.44 26.98
CA ASP A 67 15.93 -15.66 26.77
C ASP A 67 15.91 -16.06 25.31
N GLN A 68 15.72 -15.11 24.40
CA GLN A 68 15.65 -15.49 23.00
C GLN A 68 17.03 -15.76 22.41
N TYR A 69 18.04 -15.06 22.90
CA TYR A 69 19.41 -15.36 22.49
C TYR A 69 19.80 -16.78 22.88
N TYR A 70 19.55 -17.16 24.13
CA TYR A 70 19.96 -18.50 24.56
C TYR A 70 19.11 -19.59 23.95
N SER A 71 17.85 -19.28 23.61
CA SER A 71 17.07 -20.24 22.85
C SER A 71 17.68 -20.46 21.48
N SER A 72 18.19 -19.38 20.87
CA SER A 72 18.69 -19.46 19.50
C SER A 72 19.95 -20.31 19.42
N ILE A 73 20.75 -20.34 20.49
CA ILE A 73 21.97 -21.14 20.53
C ILE A 73 21.73 -22.47 21.24
N LYS A 74 20.48 -22.93 21.30
CA LYS A 74 20.11 -24.25 21.81
C LYS A 74 20.52 -24.46 23.27
N ARG A 75 20.60 -23.40 24.06
CA ARG A 75 21.05 -23.49 25.44
C ARG A 75 20.10 -22.77 26.39
N PHE A 76 18.81 -22.78 26.06
CA PHE A 76 17.79 -22.19 26.91
C PHE A 76 17.64 -23.00 28.19
N GLY A 77 17.46 -22.29 29.31
CA GLY A 77 17.30 -22.94 30.59
C GLY A 77 18.53 -23.65 31.09
N SER A 78 19.70 -23.26 30.61
CA SER A 78 20.93 -24.00 30.86
C SER A 78 21.82 -23.23 31.82
N LYS A 79 22.89 -23.92 32.22
CA LYS A 79 23.93 -23.39 33.09
C LYS A 79 24.31 -21.97 32.69
N ALA A 80 24.91 -21.81 31.52
CA ALA A 80 25.37 -20.49 31.10
C ALA A 80 24.23 -19.49 30.98
N HIS A 81 23.03 -19.96 30.61
CA HIS A 81 21.89 -19.06 30.51
C HIS A 81 21.58 -18.43 31.86
N MET A 82 21.41 -19.25 32.90
CA MET A 82 21.06 -18.72 34.21
C MET A 82 22.15 -17.81 34.74
N ASP A 83 23.41 -18.21 34.56
CA ASP A 83 24.53 -17.40 35.04
C ASP A 83 24.54 -16.02 34.38
N ARG A 84 24.31 -15.98 33.06
CA ARG A 84 24.26 -14.71 32.35
C ARG A 84 23.09 -13.86 32.82
N LEU A 85 21.92 -14.47 32.98
CA LEU A 85 20.77 -13.74 33.50
C LEU A 85 21.07 -13.18 34.89
N GLU A 86 21.66 -14.02 35.74
CA GLU A 86 22.05 -13.59 37.07
C GLU A 86 23.10 -12.48 37.02
N GLU A 87 24.08 -12.62 36.11
CA GLU A 87 25.15 -11.62 36.02
C GLU A 87 24.62 -10.27 35.58
N VAL A 88 23.75 -10.26 34.55
CA VAL A 88 23.21 -9.00 34.05
C VAL A 88 22.29 -8.36 35.07
N ASN A 89 21.50 -9.18 35.78
CA ASN A 89 20.70 -8.68 36.87
C ASN A 89 21.56 -7.96 37.90
N LYS A 90 22.66 -8.61 38.32
CA LYS A 90 23.55 -7.96 39.28
C LYS A 90 24.08 -6.65 38.74
N GLU A 91 24.45 -6.62 37.46
CA GLU A 91 25.02 -5.42 36.88
C GLU A 91 24.01 -4.28 36.79
N ILE A 92 22.73 -4.61 36.65
CA ILE A 92 21.68 -3.58 36.57
C ILE A 92 21.37 -3.02 37.95
N GLU A 93 21.19 -3.91 38.94
CA GLU A 93 21.06 -3.47 40.33
C GLU A 93 22.19 -2.53 40.71
N SER A 94 23.40 -2.83 40.27
CA SER A 94 24.58 -2.05 40.66
C SER A 94 24.70 -0.78 39.81
N THR A 95 24.82 -0.93 38.49
CA THR A 95 25.22 0.16 37.62
C THR A 95 24.05 0.88 36.96
N SER A 96 22.82 0.39 37.13
CA SER A 96 21.62 0.93 36.48
C SER A 96 21.67 0.82 34.96
N THR A 97 22.56 -0.03 34.44
CA THR A 97 22.57 -0.45 33.05
C THR A 97 23.40 -1.72 32.97
N TYR A 98 23.75 -2.14 31.76
CA TYR A 98 24.64 -3.28 31.59
C TYR A 98 25.26 -3.20 30.20
N GLN A 99 26.18 -4.13 29.94
CA GLN A 99 26.94 -4.18 28.70
C GLN A 99 26.70 -5.52 28.02
N LEU A 100 26.57 -5.50 26.70
CA LEU A 100 26.36 -6.72 25.94
C LEU A 100 27.68 -7.40 25.64
N LYS A 101 27.69 -8.73 25.76
CA LYS A 101 28.75 -9.53 25.16
C LYS A 101 28.75 -9.33 23.65
N ASP A 102 29.94 -9.35 23.05
CA ASP A 102 30.11 -9.26 21.60
C ASP A 102 29.12 -10.16 20.88
N THR A 103 28.98 -11.40 21.36
CA THR A 103 28.08 -12.34 20.70
C THR A 103 26.64 -11.85 20.74
N GLU A 104 26.22 -11.29 21.88
CA GLU A 104 24.85 -10.76 22.01
C GLU A 104 24.64 -9.54 21.13
N LEU A 105 25.67 -8.69 21.00
CA LEU A 105 25.56 -7.49 20.19
C LEU A 105 25.40 -7.85 18.72
N ILE A 106 26.14 -8.84 18.25
CA ILE A 106 26.00 -9.27 16.85
C ILE A 106 24.62 -9.88 16.63
N TYR A 107 24.20 -10.76 17.54
CA TYR A 107 22.86 -11.33 17.45
C TYR A 107 21.79 -10.24 17.45
N GLY A 108 21.88 -9.31 18.39
CA GLY A 108 20.89 -8.26 18.47
C GLY A 108 20.79 -7.43 17.20
N ALA A 109 21.94 -7.11 16.60
CA ALA A 109 21.95 -6.29 15.40
C ALA A 109 21.38 -7.04 14.21
N LYS A 110 21.77 -8.30 14.03
CA LYS A 110 21.19 -9.07 12.95
C LYS A 110 19.69 -9.23 13.12
N HIS A 111 19.23 -9.34 14.38
CA HIS A 111 17.78 -9.51 14.56
C HIS A 111 17.02 -8.21 14.45
N ALA A 112 17.66 -7.08 14.80
CA ALA A 112 17.05 -5.79 14.51
C ALA A 112 16.73 -5.67 13.02
N TRP A 113 17.68 -6.04 12.15
CA TRP A 113 17.41 -6.05 10.72
C TRP A 113 16.32 -7.07 10.37
N ARG A 114 16.43 -8.29 10.91
CA ARG A 114 15.45 -9.33 10.61
C ARG A 114 14.02 -8.88 10.95
N ASN A 115 13.87 -8.06 11.98
CA ASN A 115 12.59 -7.57 12.47
C ASN A 115 12.12 -6.29 11.79
N ALA A 116 12.91 -5.68 10.89
CA ALA A 116 12.54 -4.40 10.28
C ALA A 116 11.37 -4.61 9.31
N SER A 117 10.17 -4.31 9.76
CA SER A 117 9.03 -4.69 8.94
C SER A 117 8.93 -3.89 7.64
N ARG A 118 9.62 -2.76 7.52
CA ARG A 118 9.57 -1.98 6.29
C ARG A 118 10.66 -2.34 5.30
N CYS A 119 11.48 -3.35 5.56
CA CYS A 119 12.65 -3.62 4.73
C CYS A 119 12.37 -4.81 3.82
N VAL A 120 12.44 -4.57 2.51
CA VAL A 120 12.26 -5.65 1.54
C VAL A 120 13.51 -6.49 1.36
N GLY A 121 14.65 -6.06 1.88
CA GLY A 121 15.87 -6.78 1.57
C GLY A 121 16.34 -7.74 2.65
N ARG A 122 15.42 -8.21 3.50
CA ARG A 122 15.81 -8.97 4.69
C ARG A 122 16.20 -10.41 4.42
N ILE A 123 16.10 -10.89 3.17
CA ILE A 123 16.59 -12.25 2.94
C ILE A 123 18.06 -12.35 3.32
N GLN A 124 18.78 -11.22 3.30
CA GLN A 124 20.21 -11.12 3.60
C GLN A 124 20.49 -10.91 5.07
N TRP A 125 19.48 -10.95 5.94
CA TRP A 125 19.62 -10.42 7.29
C TRP A 125 20.76 -11.09 8.06
N SER A 126 21.04 -12.35 7.78
CA SER A 126 22.04 -13.05 8.58
C SER A 126 23.47 -12.76 8.16
N LYS A 127 23.70 -12.03 7.06
CA LYS A 127 25.05 -11.82 6.56
C LYS A 127 25.64 -10.46 6.97
N LEU A 128 25.08 -9.84 8.02
CA LEU A 128 25.47 -8.49 8.40
C LEU A 128 26.85 -8.49 9.03
N GLN A 129 27.70 -7.57 8.59
CA GLN A 129 29.02 -7.36 9.19
C GLN A 129 28.84 -6.31 10.29
N VAL A 130 29.08 -6.70 11.53
CA VAL A 130 28.86 -5.81 12.68
C VAL A 130 30.22 -5.26 13.12
N PHE A 131 30.36 -3.93 13.10
CA PHE A 131 31.57 -3.25 13.60
C PHE A 131 31.26 -2.65 14.96
N ASP A 132 31.91 -3.19 15.99
CA ASP A 132 31.74 -2.79 17.39
C ASP A 132 32.58 -1.54 17.62
N ALA A 133 31.94 -0.38 17.67
CA ALA A 133 32.62 0.88 17.94
C ALA A 133 32.31 1.40 19.34
N ARG A 134 32.08 0.49 20.28
CA ARG A 134 31.66 0.91 21.61
C ARG A 134 32.81 1.46 22.44
N ASP A 135 34.04 1.41 21.93
CA ASP A 135 35.19 2.01 22.59
C ASP A 135 35.46 3.44 22.11
N CYS A 136 34.70 3.91 21.13
CA CYS A 136 34.84 5.27 20.63
C CYS A 136 34.53 6.28 21.72
N THR A 137 35.29 7.38 21.73
CA THR A 137 35.10 8.45 22.71
C THR A 137 34.97 9.84 22.11
N THR A 138 35.42 10.07 20.88
CA THR A 138 35.43 11.42 20.30
C THR A 138 34.87 11.39 18.89
N ALA A 139 34.59 12.58 18.37
CA ALA A 139 33.98 12.66 17.04
C ALA A 139 35.00 12.35 15.95
N HIS A 140 36.28 12.65 16.20
CA HIS A 140 37.34 12.21 15.29
C HIS A 140 37.40 10.68 15.22
N GLY A 141 37.26 10.01 16.37
CA GLY A 141 37.15 8.56 16.37
C GLY A 141 35.93 8.08 15.59
N MET A 142 34.77 8.71 15.80
CA MET A 142 33.59 8.31 15.05
C MET A 142 33.85 8.44 13.55
N PHE A 143 34.46 9.55 13.14
CA PHE A 143 34.78 9.74 11.73
C PHE A 143 35.64 8.60 11.21
N ASN A 144 36.68 8.21 11.96
CA ASN A 144 37.54 7.09 11.54
C ASN A 144 36.73 5.80 11.41
N TYR A 145 35.88 5.50 12.39
CA TYR A 145 35.05 4.30 12.32
C TYR A 145 34.15 4.33 11.08
N ILE A 146 33.67 5.51 10.71
CA ILE A 146 32.69 5.61 9.62
C ILE A 146 33.39 5.53 8.26
N CYS A 147 34.59 6.11 8.16
CA CYS A 147 35.37 5.92 6.94
C CYS A 147 35.66 4.46 6.69
N ASN A 148 36.01 3.72 7.75
CA ASN A 148 36.32 2.31 7.59
C ASN A 148 35.07 1.53 7.20
N HIS A 149 33.94 1.88 7.80
CA HIS A 149 32.64 1.32 7.41
C HIS A 149 32.37 1.53 5.92
N VAL A 150 32.40 2.79 5.50
CA VAL A 150 32.14 3.12 4.11
C VAL A 150 33.04 2.33 3.18
N LYS A 151 34.33 2.24 3.53
CA LYS A 151 35.26 1.52 2.66
C LYS A 151 34.98 0.03 2.65
N TYR A 152 34.71 -0.56 3.83
CA TYR A 152 34.40 -1.98 3.89
C TYR A 152 33.15 -2.28 3.08
N ALA A 153 32.10 -1.51 3.34
CA ALA A 153 30.80 -1.74 2.72
C ALA A 153 30.86 -1.57 1.21
N THR A 154 31.60 -0.56 0.74
CA THR A 154 31.63 -0.27 -0.69
C THR A 154 32.38 -1.37 -1.45
N ASN A 155 33.59 -1.71 -1.00
CA ASN A 155 34.31 -2.89 -1.50
C ASN A 155 34.48 -2.82 -3.02
N LYS A 156 34.81 -1.63 -3.52
CA LYS A 156 35.06 -1.39 -4.94
C LYS A 156 33.83 -1.69 -5.81
N GLY A 157 32.64 -1.54 -5.25
CA GLY A 157 31.41 -1.78 -5.98
C GLY A 157 30.74 -3.10 -5.68
N ASN A 158 31.45 -4.03 -5.05
CA ASN A 158 30.87 -5.31 -4.63
C ASN A 158 30.36 -5.12 -3.20
N LEU A 159 29.19 -4.48 -3.09
CA LEU A 159 28.74 -3.97 -1.81
C LEU A 159 28.49 -5.09 -0.81
N ARG A 160 28.76 -4.79 0.46
CA ARG A 160 28.64 -5.73 1.57
C ARG A 160 27.88 -5.03 2.69
N SER A 161 26.86 -5.70 3.24
CA SER A 161 26.06 -5.11 4.31
C SER A 161 26.91 -4.93 5.57
N ALA A 162 26.71 -3.79 6.25
CA ALA A 162 27.47 -3.51 7.47
C ALA A 162 26.70 -2.57 8.38
N ILE A 163 26.98 -2.69 9.67
CA ILE A 163 26.52 -1.75 10.68
C ILE A 163 27.70 -1.44 11.60
N THR A 164 27.78 -0.19 12.04
CA THR A 164 28.78 0.24 13.01
C THR A 164 28.04 0.77 14.22
N ILE A 165 28.35 0.22 15.39
CA ILE A 165 27.57 0.47 16.61
C ILE A 165 28.44 1.26 17.59
N PHE A 166 28.06 2.50 17.84
CA PHE A 166 28.73 3.39 18.77
C PHE A 166 28.18 3.21 20.18
N PRO A 167 28.79 3.82 21.20
CA PRO A 167 28.37 3.55 22.58
C PRO A 167 26.90 3.85 22.87
N GLN A 168 26.33 3.07 23.78
CA GLN A 168 24.91 3.14 24.06
C GLN A 168 24.59 4.38 24.91
N ARG A 169 23.31 4.76 24.89
CA ARG A 169 22.83 5.83 25.75
C ARG A 169 23.06 5.49 27.21
N THR A 170 23.39 6.51 28.00
CA THR A 170 23.62 6.32 29.44
C THR A 170 22.56 7.10 30.17
N ASP A 171 22.88 8.28 30.72
CA ASP A 171 21.89 9.10 31.39
C ASP A 171 20.93 9.77 30.41
N GLY A 172 21.36 9.93 29.16
CA GLY A 172 20.59 10.62 28.14
C GLY A 172 21.18 11.94 27.71
N LYS A 173 22.14 12.47 28.47
CA LYS A 173 22.82 13.71 28.16
C LYS A 173 24.13 13.48 27.41
N HIS A 174 24.56 12.23 27.25
CA HIS A 174 25.85 11.87 26.67
C HIS A 174 25.64 11.03 25.41
N ASP A 175 24.63 11.36 24.61
CA ASP A 175 24.32 10.55 23.45
C ASP A 175 25.34 10.75 22.33
N PHE A 176 25.74 9.64 21.71
CA PHE A 176 26.40 9.69 20.41
C PHE A 176 25.33 9.81 19.32
N ARG A 177 25.56 10.73 18.38
CA ARG A 177 24.63 10.90 17.27
C ARG A 177 25.39 11.22 16.00
N VAL A 178 24.98 10.58 14.90
CA VAL A 178 25.31 11.04 13.55
C VAL A 178 24.19 11.97 13.11
N TRP A 179 24.52 13.25 12.89
CA TRP A 179 23.49 14.24 12.58
C TRP A 179 22.93 14.07 11.17
N ASN A 180 23.72 13.54 10.25
CA ASN A 180 23.22 13.26 8.91
C ASN A 180 22.17 12.16 8.98
N SER A 181 21.15 12.28 8.12
CA SER A 181 20.14 11.23 8.04
C SER A 181 20.71 9.98 7.37
N GLN A 182 21.52 10.16 6.32
CA GLN A 182 22.31 9.11 5.70
C GLN A 182 23.76 9.54 5.58
N LEU A 183 24.69 8.59 5.63
CA LEU A 183 26.12 8.92 5.55
C LEU A 183 26.42 9.69 4.27
N ILE A 184 25.76 9.34 3.16
CA ILE A 184 26.09 9.93 1.87
C ILE A 184 24.82 10.49 1.26
N ARG A 185 24.78 11.82 1.09
CA ARG A 185 23.63 12.53 0.53
C ARG A 185 24.11 13.85 -0.09
N TYR A 186 23.36 14.32 -1.07
CA TYR A 186 23.72 15.55 -1.76
C TYR A 186 23.07 16.77 -1.10
N ALA A 187 23.79 17.89 -1.11
CA ALA A 187 23.35 19.11 -0.45
C ALA A 187 22.17 19.75 -1.19
N GLY A 188 21.47 20.63 -0.48
CA GLY A 188 20.34 21.36 -1.05
C GLY A 188 20.40 22.84 -0.72
N TYR A 189 20.25 23.68 -1.75
CA TYR A 189 20.40 25.12 -1.60
C TYR A 189 19.20 25.87 -2.18
N LYS A 190 18.75 26.89 -1.45
CA LYS A 190 17.69 27.76 -1.94
C LYS A 190 18.26 28.82 -2.87
N GLN A 191 17.72 28.89 -4.09
CA GLN A 191 18.19 29.87 -5.06
C GLN A 191 17.58 31.24 -4.79
N PRO A 192 18.26 32.31 -5.23
CA PRO A 192 17.68 33.65 -5.05
C PRO A 192 16.36 33.83 -5.75
N ASP A 193 16.21 33.24 -6.94
CA ASP A 193 14.97 33.33 -7.70
C ASP A 193 13.85 32.48 -7.13
N GLY A 194 14.09 31.73 -6.05
CA GLY A 194 13.04 30.98 -5.38
C GLY A 194 13.13 29.48 -5.56
N SER A 195 13.76 29.00 -6.61
CA SER A 195 13.86 27.57 -6.85
C SER A 195 14.88 26.96 -5.89
N THR A 196 15.21 25.68 -6.10
CA THR A 196 16.10 24.94 -5.21
C THR A 196 17.13 24.17 -6.02
N LEU A 197 18.40 24.30 -5.64
CA LEU A 197 19.51 23.63 -6.30
C LEU A 197 20.00 22.46 -5.45
N GLY A 198 20.23 21.32 -6.09
CA GLY A 198 20.59 20.13 -5.35
C GLY A 198 19.37 19.38 -4.86
N ASP A 199 19.50 18.72 -3.71
CA ASP A 199 18.42 17.90 -3.16
C ASP A 199 17.55 18.75 -2.25
N PRO A 200 16.30 19.03 -2.61
CA PRO A 200 15.45 19.85 -1.72
C PRO A 200 15.19 19.21 -0.37
N ALA A 201 15.35 17.90 -0.24
CA ALA A 201 15.11 17.26 1.06
C ALA A 201 16.14 17.67 2.10
N ASN A 202 17.31 18.14 1.67
CA ASN A 202 18.46 18.37 2.54
C ASN A 202 18.75 19.84 2.75
N VAL A 203 17.78 20.71 2.46
CA VAL A 203 17.99 22.15 2.55
C VAL A 203 18.28 22.57 3.97
N GLN A 204 17.47 22.07 4.93
CA GLN A 204 17.67 22.47 6.32
C GLN A 204 19.00 21.95 6.87
N PHE A 205 19.30 20.67 6.63
CA PHE A 205 20.53 20.11 7.16
C PHE A 205 21.75 20.80 6.57
N THR A 206 21.71 21.11 5.27
CA THR A 206 22.77 21.88 4.64
C THR A 206 22.97 23.23 5.34
N GLU A 207 21.89 23.86 5.79
CA GLU A 207 22.01 25.13 6.50
C GLU A 207 22.79 24.96 7.80
N ILE A 208 22.50 23.88 8.55
CA ILE A 208 23.22 23.64 9.79
C ILE A 208 24.68 23.35 9.51
N CYS A 209 24.99 22.71 8.38
CA CYS A 209 26.37 22.53 8.00
C CYS A 209 27.08 23.86 7.83
N ILE A 210 26.45 24.79 7.11
CA ILE A 210 27.05 26.11 6.92
C ILE A 210 27.11 26.85 8.25
N GLN A 211 26.03 26.79 9.03
CA GLN A 211 26.01 27.48 10.32
C GLN A 211 27.06 26.93 11.27
N GLN A 212 27.39 25.65 11.16
CA GLN A 212 28.49 25.08 11.95
C GLN A 212 29.81 25.17 11.23
N GLY A 213 29.85 25.85 10.08
CA GLY A 213 31.08 26.24 9.45
C GLY A 213 31.38 25.64 8.08
N TRP A 214 30.52 24.83 7.50
CA TRP A 214 30.84 24.17 6.23
C TRP A 214 31.14 25.18 5.13
N LYS A 215 32.08 24.82 4.26
CA LYS A 215 32.43 25.63 3.11
C LYS A 215 31.72 25.02 1.90
N ALA A 216 30.47 25.44 1.70
CA ALA A 216 29.64 24.82 0.68
C ALA A 216 30.12 25.21 -0.71
N PRO A 217 30.24 24.26 -1.65
CA PRO A 217 30.63 24.63 -3.02
C PRO A 217 29.43 24.92 -3.91
N ARG A 218 28.29 25.21 -3.29
CA ARG A 218 26.98 25.39 -3.90
C ARG A 218 26.85 24.81 -5.31
N GLY A 219 27.00 23.49 -5.42
CA GLY A 219 26.71 22.76 -6.62
C GLY A 219 25.44 21.94 -6.49
N ARG A 220 25.21 21.09 -7.49
CA ARG A 220 23.96 20.33 -7.53
C ARG A 220 24.08 18.95 -6.90
N PHE A 221 25.27 18.39 -6.89
CA PHE A 221 25.55 17.06 -6.36
C PHE A 221 26.76 17.11 -5.43
N ASP A 222 26.72 18.01 -4.44
CA ASP A 222 27.79 18.12 -3.46
C ASP A 222 27.55 17.13 -2.34
N VAL A 223 28.47 16.18 -2.17
CA VAL A 223 28.35 15.25 -1.06
C VAL A 223 28.46 16.03 0.24
N LEU A 224 27.44 15.88 1.10
CA LEU A 224 27.44 16.62 2.34
C LEU A 224 28.55 16.11 3.27
N PRO A 225 29.07 16.98 4.14
CA PRO A 225 30.02 16.52 5.16
C PRO A 225 29.31 15.83 6.31
N LEU A 226 30.05 14.96 7.00
CA LEU A 226 29.52 14.35 8.21
C LEU A 226 29.51 15.36 9.35
N LEU A 227 28.46 15.30 10.17
CA LEU A 227 28.32 16.11 11.37
C LEU A 227 28.16 15.15 12.54
N LEU A 228 29.22 14.94 13.31
CA LEU A 228 29.27 13.86 14.29
C LEU A 228 29.26 14.40 15.70
N GLN A 229 28.52 13.72 16.58
CA GLN A 229 28.36 14.14 17.97
C GLN A 229 28.76 12.99 18.88
N ALA A 230 29.84 13.16 19.65
CA ALA A 230 30.30 12.15 20.58
C ALA A 230 29.95 12.56 22.01
N ASN A 231 29.42 11.60 22.77
CA ASN A 231 29.29 11.74 24.23
C ASN A 231 28.47 12.96 24.60
N GLY A 232 27.46 13.26 23.80
CA GLY A 232 26.63 14.41 24.07
C GLY A 232 27.30 15.74 23.88
N ASN A 233 28.50 15.78 23.28
CA ASN A 233 29.17 17.04 23.06
C ASN A 233 28.63 17.74 21.81
N ASP A 234 29.21 18.88 21.50
CA ASP A 234 28.82 19.63 20.31
C ASP A 234 29.27 18.88 19.05
N PRO A 235 28.47 18.88 18.00
CA PRO A 235 28.83 18.13 16.80
C PRO A 235 29.90 18.83 15.97
N GLU A 236 30.74 18.02 15.32
CA GLU A 236 31.88 18.52 14.55
C GLU A 236 31.77 18.08 13.09
N LEU A 237 32.31 18.90 12.20
CA LEU A 237 32.27 18.61 10.77
C LEU A 237 33.49 17.81 10.34
N PHE A 238 33.26 16.86 9.42
CA PHE A 238 34.32 16.11 8.75
C PHE A 238 33.88 15.84 7.33
N GLN A 239 34.82 15.89 6.39
CA GLN A 239 34.56 15.54 5.01
C GLN A 239 35.01 14.11 4.72
N ILE A 240 34.08 13.28 4.22
CA ILE A 240 34.46 11.91 3.85
C ILE A 240 35.47 11.97 2.71
N PRO A 241 36.58 11.24 2.78
CA PRO A 241 37.54 11.24 1.69
C PRO A 241 36.84 10.97 0.37
N PRO A 242 36.96 11.90 -0.58
CA PRO A 242 36.23 11.76 -1.85
C PRO A 242 36.43 10.42 -2.53
N GLU A 243 37.62 9.84 -2.38
CA GLU A 243 37.92 8.57 -3.03
C GLU A 243 37.21 7.40 -2.39
N LEU A 244 36.57 7.59 -1.22
CA LEU A 244 35.78 6.56 -0.58
C LEU A 244 34.30 6.63 -0.98
N VAL A 245 33.89 7.67 -1.68
CA VAL A 245 32.49 7.86 -2.08
C VAL A 245 32.37 7.41 -3.53
N LEU A 246 31.92 6.18 -3.72
CA LEU A 246 31.67 5.66 -5.07
C LEU A 246 30.40 6.25 -5.68
N GLU A 247 30.52 6.89 -6.84
CA GLU A 247 29.39 7.51 -7.52
C GLU A 247 29.23 6.91 -8.91
N VAL A 248 28.01 6.94 -9.42
CA VAL A 248 27.68 6.36 -10.72
C VAL A 248 27.08 7.42 -11.64
N PRO A 249 27.73 7.78 -12.74
CA PRO A 249 27.08 8.66 -13.71
C PRO A 249 25.97 7.92 -14.43
N ILE A 250 24.84 8.58 -14.63
CA ILE A 250 23.64 7.93 -15.14
C ILE A 250 23.55 8.16 -16.64
N ARG A 251 23.61 7.07 -17.39
CA ARG A 251 23.39 7.10 -18.83
C ARG A 251 22.33 6.07 -19.19
N HIS A 252 21.78 6.21 -20.37
CA HIS A 252 20.73 5.32 -20.84
C HIS A 252 21.26 4.43 -21.95
N PRO A 253 20.85 3.15 -21.99
CA PRO A 253 21.36 2.24 -23.03
C PRO A 253 20.85 2.52 -24.43
N LYS A 254 19.95 3.49 -24.62
CA LYS A 254 19.41 3.82 -25.94
C LYS A 254 19.55 5.30 -26.24
N PHE A 255 19.16 6.13 -25.28
CA PHE A 255 19.11 7.58 -25.47
C PHE A 255 20.48 8.16 -25.12
N ASP A 256 21.26 8.47 -26.15
CA ASP A 256 22.59 9.04 -25.95
C ASP A 256 22.52 10.44 -25.34
N TRP A 257 21.37 11.11 -25.44
CA TRP A 257 21.22 12.43 -24.84
C TRP A 257 20.99 12.38 -23.34
N PHE A 258 20.81 11.18 -22.77
CA PHE A 258 20.60 11.04 -21.34
C PHE A 258 21.79 11.57 -20.54
N LYS A 259 23.00 11.47 -21.11
CA LYS A 259 24.19 11.95 -20.42
C LYS A 259 24.10 13.45 -20.11
N ASP A 260 23.61 14.23 -21.08
CA ASP A 260 23.53 15.68 -20.93
C ASP A 260 22.59 16.12 -19.82
N LEU A 261 21.82 15.21 -19.22
CA LEU A 261 21.04 15.59 -18.06
C LEU A 261 21.92 15.84 -16.85
N GLY A 262 23.16 15.34 -16.88
CA GLY A 262 24.10 15.57 -15.80
C GLY A 262 23.83 14.76 -14.54
N LEU A 263 23.06 13.68 -14.63
CA LEU A 263 22.65 12.95 -13.44
C LEU A 263 23.77 12.04 -12.94
N LYS A 264 23.90 11.96 -11.63
CA LYS A 264 24.74 10.97 -10.99
C LYS A 264 24.11 10.60 -9.66
N TRP A 265 24.47 9.43 -9.14
CA TRP A 265 24.07 9.05 -7.80
C TRP A 265 25.18 8.23 -7.16
N TYR A 266 25.12 8.15 -5.83
CA TYR A 266 26.11 7.41 -5.06
C TYR A 266 25.71 5.94 -4.94
N GLY A 267 26.72 5.10 -4.75
CA GLY A 267 26.49 3.67 -4.71
C GLY A 267 26.04 3.11 -3.37
N LEU A 268 26.25 3.84 -2.27
CA LEU A 268 26.08 3.25 -0.94
C LEU A 268 24.90 3.86 -0.20
N PRO A 269 23.80 3.12 -0.03
CA PRO A 269 22.72 3.59 0.85
C PRO A 269 23.09 3.24 2.29
N ALA A 270 23.12 4.25 3.14
CA ALA A 270 23.64 4.06 4.50
C ALA A 270 22.83 4.93 5.45
N VAL A 271 21.95 4.30 6.23
CA VAL A 271 21.05 5.01 7.13
C VAL A 271 21.75 5.24 8.47
N SER A 272 21.74 6.49 8.94
CA SER A 272 22.50 6.83 10.12
C SER A 272 21.71 7.58 11.19
N ASN A 273 20.40 7.80 11.02
CA ASN A 273 19.65 8.57 12.01
C ASN A 273 18.72 7.71 12.86
N MET A 274 18.84 6.38 12.80
CA MET A 274 17.95 5.51 13.54
C MET A 274 18.56 5.06 14.87
N LEU A 275 17.69 4.55 15.74
CA LEU A 275 18.04 4.07 17.08
C LEU A 275 17.86 2.57 17.13
N LEU A 276 18.91 1.88 17.56
CA LEU A 276 18.92 0.42 17.64
C LEU A 276 18.67 0.02 19.09
N GLU A 277 17.56 -0.67 19.33
CA GLU A 277 17.27 -1.17 20.67
C GLU A 277 17.60 -2.66 20.74
N ILE A 278 18.45 -3.02 21.72
CA ILE A 278 18.79 -4.41 22.03
C ILE A 278 18.73 -4.58 23.54
N GLY A 279 17.89 -5.52 24.00
CA GLY A 279 17.82 -5.82 25.43
C GLY A 279 17.50 -4.63 26.30
N GLY A 280 16.68 -3.70 25.80
CA GLY A 280 16.42 -2.48 26.51
C GLY A 280 17.48 -1.41 26.39
N LEU A 281 18.65 -1.74 25.85
CA LEU A 281 19.70 -0.75 25.66
C LEU A 281 19.51 -0.02 24.33
N GLU A 282 19.86 1.27 24.32
CA GLU A 282 19.57 2.15 23.20
C GLU A 282 20.87 2.64 22.57
N PHE A 283 21.08 2.28 21.31
CA PHE A 283 22.23 2.74 20.53
C PHE A 283 21.75 3.82 19.57
N SER A 284 22.01 5.08 19.93
CA SER A 284 21.51 6.23 19.19
C SER A 284 22.34 6.55 17.95
N ALA A 285 23.52 5.95 17.81
CA ALA A 285 24.35 6.16 16.63
C ALA A 285 24.75 4.78 16.13
N CYS A 286 24.11 4.34 15.03
CA CYS A 286 24.33 3.00 14.53
C CYS A 286 24.19 2.94 13.01
N PRO A 287 24.98 3.71 12.28
CA PRO A 287 24.86 3.72 10.81
C PRO A 287 24.90 2.31 10.22
N PHE A 288 23.97 2.01 9.31
CA PHE A 288 23.96 0.72 8.63
C PHE A 288 23.75 0.93 7.14
N SER A 289 24.27 -0.01 6.34
CA SER A 289 24.28 0.15 4.90
C SER A 289 24.04 -1.20 4.22
N GLY A 290 23.49 -1.14 3.02
CA GLY A 290 23.33 -2.32 2.19
C GLY A 290 23.65 -1.98 0.76
N TRP A 291 22.70 -2.24 -0.15
CA TRP A 291 22.82 -1.80 -1.53
C TRP A 291 21.44 -1.41 -2.02
N TYR A 292 21.41 -0.58 -3.06
CA TYR A 292 20.18 0.04 -3.50
C TYR A 292 19.26 -0.94 -4.23
N MET A 293 17.96 -0.71 -4.07
CA MET A 293 16.98 -1.19 -5.04
C MET A 293 16.78 -0.05 -6.03
N GLY A 294 16.73 -0.37 -7.32
CA GLY A 294 16.81 0.66 -8.34
C GLY A 294 15.74 1.75 -8.24
N THR A 295 14.55 1.40 -7.75
CA THR A 295 13.46 2.36 -7.69
C THR A 295 13.69 3.45 -6.63
N GLU A 296 14.46 3.14 -5.58
CA GLU A 296 14.80 4.17 -4.61
C GLU A 296 15.40 5.39 -5.31
N ILE A 297 16.31 5.15 -6.27
CA ILE A 297 16.96 6.25 -6.97
C ILE A 297 16.07 6.79 -8.09
N GLY A 298 15.62 5.91 -8.98
CA GLY A 298 14.99 6.36 -10.20
C GLY A 298 13.55 6.81 -10.02
N VAL A 299 12.82 6.21 -9.07
CA VAL A 299 11.44 6.60 -8.85
C VAL A 299 11.39 7.72 -7.82
N ARG A 300 11.94 7.49 -6.63
CA ARG A 300 11.77 8.46 -5.55
C ARG A 300 12.77 9.61 -5.66
N ASP A 301 14.08 9.30 -5.70
CA ASP A 301 15.09 10.36 -5.66
C ASP A 301 14.99 11.28 -6.87
N TYR A 302 14.75 10.72 -8.05
CA TYR A 302 14.80 11.50 -9.28
C TYR A 302 13.45 12.10 -9.68
N CYS A 303 12.33 11.50 -9.26
CA CYS A 303 11.01 11.82 -9.82
C CYS A 303 9.96 12.31 -8.84
N ASP A 304 10.16 12.16 -7.52
CA ASP A 304 9.31 12.86 -6.57
C ASP A 304 9.29 14.34 -6.89
N ASN A 305 8.09 14.94 -6.79
CA ASN A 305 7.99 16.38 -7.03
C ASN A 305 8.78 17.18 -6.00
N SER A 306 8.96 16.63 -4.80
CA SER A 306 9.71 17.29 -3.73
C SER A 306 11.18 16.88 -3.69
N ARG A 307 11.66 16.15 -4.70
CA ARG A 307 13.09 15.84 -4.78
C ARG A 307 13.71 16.46 -6.03
N TYR A 308 14.43 15.67 -6.83
CA TYR A 308 15.07 16.22 -8.01
C TYR A 308 14.09 16.45 -9.17
N ASN A 309 12.96 15.76 -9.17
CA ASN A 309 11.78 16.15 -9.96
C ASN A 309 12.13 16.38 -11.44
N ILE A 310 12.70 15.36 -12.06
CA ILE A 310 13.22 15.50 -13.41
C ILE A 310 12.24 15.02 -14.48
N LEU A 311 11.07 14.51 -14.09
CA LEU A 311 10.17 13.90 -15.07
C LEU A 311 9.94 14.81 -16.27
N GLU A 312 9.57 16.08 -16.01
CA GLU A 312 9.21 16.98 -17.10
C GLU A 312 10.36 17.18 -18.08
N GLU A 313 11.59 17.28 -17.57
CA GLU A 313 12.75 17.43 -18.44
C GLU A 313 12.94 16.20 -19.32
N VAL A 314 12.82 15.01 -18.73
CA VAL A 314 13.08 13.77 -19.46
C VAL A 314 12.02 13.56 -20.53
N ALA A 315 10.76 13.88 -20.21
CA ALA A 315 9.68 13.71 -21.18
C ALA A 315 9.86 14.65 -22.36
N LYS A 316 10.38 15.85 -22.13
CA LYS A 316 10.62 16.80 -23.22
C LYS A 316 11.69 16.29 -24.17
N LYS A 317 12.74 15.68 -23.64
CA LYS A 317 13.75 15.10 -24.51
C LYS A 317 13.24 13.83 -25.20
N MET A 318 12.27 13.14 -24.61
CA MET A 318 11.68 11.99 -25.30
C MET A 318 10.64 12.39 -26.33
N ASP A 319 10.30 13.69 -26.42
CA ASP A 319 9.31 14.21 -27.35
C ASP A 319 7.94 13.53 -27.17
N LEU A 320 7.48 13.45 -25.92
CA LEU A 320 6.19 12.89 -25.60
C LEU A 320 5.13 13.98 -25.53
N ASP A 321 3.88 13.59 -25.75
CA ASP A 321 2.73 14.50 -25.65
C ASP A 321 2.48 14.79 -24.18
N MET A 322 2.94 15.95 -23.71
CA MET A 322 2.75 16.32 -22.31
C MET A 322 1.53 17.20 -22.10
N ARG A 323 0.61 17.24 -23.06
CA ARG A 323 -0.58 18.06 -22.89
C ARG A 323 -1.64 17.35 -22.05
N LYS A 324 -1.76 16.04 -22.16
CA LYS A 324 -2.83 15.29 -21.51
C LYS A 324 -2.21 14.21 -20.63
N THR A 325 -2.69 14.11 -19.39
CA THR A 325 -2.16 13.10 -18.49
C THR A 325 -2.43 11.69 -19.02
N SER A 326 -3.53 11.51 -19.77
CA SER A 326 -3.93 10.19 -20.22
C SER A 326 -3.03 9.63 -21.32
N SER A 327 -2.07 10.41 -21.85
CA SER A 327 -1.04 9.84 -22.71
C SER A 327 -0.03 9.03 -21.92
N LEU A 328 -0.07 9.10 -20.59
CA LEU A 328 0.82 8.37 -19.70
C LEU A 328 2.28 8.72 -19.95
N TRP A 329 2.53 9.99 -20.30
CA TRP A 329 3.91 10.40 -20.56
C TRP A 329 4.75 10.31 -19.30
N LYS A 330 4.19 10.71 -18.15
CA LYS A 330 4.93 10.55 -16.89
C LYS A 330 5.32 9.09 -16.69
N ASP A 331 4.41 8.17 -16.99
CA ASP A 331 4.67 6.75 -16.78
C ASP A 331 5.77 6.25 -17.70
N GLN A 332 5.77 6.72 -18.94
CA GLN A 332 6.77 6.25 -19.90
C GLN A 332 8.15 6.72 -19.51
N ALA A 333 8.32 8.03 -19.32
CA ALA A 333 9.61 8.55 -18.86
C ALA A 333 10.08 7.85 -17.59
N LEU A 334 9.17 7.60 -16.65
CA LEU A 334 9.54 6.95 -15.40
C LEU A 334 10.23 5.61 -15.63
N VAL A 335 9.67 4.79 -16.53
CA VAL A 335 10.29 3.50 -16.83
C VAL A 335 11.69 3.71 -17.39
N GLU A 336 11.82 4.62 -18.36
CA GLU A 336 13.13 4.86 -19.00
C GLU A 336 14.17 5.35 -18.00
N ILE A 337 13.77 6.26 -17.10
CA ILE A 337 14.70 6.72 -16.06
C ILE A 337 15.20 5.54 -15.24
N ASN A 338 14.30 4.60 -14.92
CA ASN A 338 14.70 3.49 -14.07
C ASN A 338 15.46 2.43 -14.84
N ILE A 339 15.27 2.37 -16.16
CA ILE A 339 16.15 1.54 -16.98
C ILE A 339 17.58 2.07 -16.91
N ALA A 340 17.74 3.39 -17.00
CA ALA A 340 19.07 3.98 -17.05
C ALA A 340 19.82 3.78 -15.74
N VAL A 341 19.12 3.93 -14.60
CA VAL A 341 19.76 3.76 -13.30
C VAL A 341 20.33 2.35 -13.17
N LEU A 342 19.49 1.36 -13.41
CA LEU A 342 19.95 -0.03 -13.39
C LEU A 342 21.10 -0.24 -14.38
N TYR A 343 20.93 0.26 -15.61
CA TYR A 343 21.98 0.11 -16.62
C TYR A 343 23.28 0.74 -16.16
N SER A 344 23.21 1.92 -15.55
CA SER A 344 24.41 2.64 -15.15
C SER A 344 25.16 1.89 -14.07
N PHE A 345 24.47 1.53 -12.98
CA PHE A 345 25.10 0.77 -11.90
C PHE A 345 25.67 -0.55 -12.41
N GLN A 346 24.88 -1.28 -13.19
CA GLN A 346 25.34 -2.55 -13.72
C GLN A 346 26.57 -2.39 -14.60
N SER A 347 26.66 -1.28 -15.34
CA SER A 347 27.80 -1.07 -16.21
C SER A 347 29.07 -0.83 -15.40
N ASP A 348 28.97 0.03 -14.39
CA ASP A 348 30.10 0.37 -13.54
C ASP A 348 30.34 -0.68 -12.46
N LYS A 349 29.65 -1.82 -12.52
CA LYS A 349 29.84 -2.94 -11.59
C LYS A 349 29.58 -2.55 -10.13
N VAL A 350 28.54 -1.75 -9.92
CA VAL A 350 28.10 -1.41 -8.57
C VAL A 350 26.85 -2.22 -8.27
N THR A 351 26.85 -2.89 -7.12
CA THR A 351 25.73 -3.74 -6.75
C THR A 351 24.42 -2.95 -6.77
N ILE A 352 23.39 -3.55 -7.36
CA ILE A 352 22.06 -2.94 -7.35
C ILE A 352 21.07 -4.05 -7.65
N VAL A 353 19.83 -3.89 -7.18
CA VAL A 353 18.81 -4.89 -7.43
C VAL A 353 17.58 -4.20 -7.99
N ASP A 354 17.02 -4.76 -9.05
CA ASP A 354 15.75 -4.23 -9.54
C ASP A 354 14.60 -4.69 -8.64
N HIS A 355 13.46 -3.99 -8.78
CA HIS A 355 12.32 -4.26 -7.91
C HIS A 355 11.69 -5.63 -8.16
N HIS A 356 11.86 -6.20 -9.36
CA HIS A 356 11.31 -7.54 -9.58
C HIS A 356 12.12 -8.58 -8.82
N SER A 357 13.47 -8.48 -8.91
CA SER A 357 14.34 -9.41 -8.20
C SER A 357 14.21 -9.27 -6.70
N ALA A 358 14.15 -8.04 -6.19
CA ALA A 358 14.10 -7.82 -4.75
C ALA A 358 12.79 -8.33 -4.15
N THR A 359 11.67 -8.10 -4.83
CA THR A 359 10.39 -8.53 -4.27
C THR A 359 10.21 -10.03 -4.37
N GLU A 360 10.72 -10.64 -5.45
CA GLU A 360 10.71 -12.10 -5.51
C GLU A 360 11.54 -12.70 -4.38
N SER A 361 12.69 -12.09 -4.06
CA SER A 361 13.50 -12.59 -2.96
CA SER A 361 13.49 -12.60 -2.95
C SER A 361 12.76 -12.47 -1.63
N PHE A 362 12.01 -11.37 -1.44
CA PHE A 362 11.29 -11.20 -0.19
C PHE A 362 10.21 -12.26 -0.02
N ILE A 363 9.51 -12.62 -1.10
CA ILE A 363 8.51 -13.69 -1.00
C ILE A 363 9.16 -14.98 -0.50
N LYS A 364 10.30 -15.34 -1.09
CA LYS A 364 11.01 -16.53 -0.62
C LYS A 364 11.45 -16.36 0.83
N HIS A 365 11.93 -15.16 1.19
CA HIS A 365 12.27 -14.90 2.58
C HIS A 365 11.05 -15.07 3.49
N MET A 366 9.92 -14.48 3.11
CA MET A 366 8.70 -14.66 3.91
C MET A 366 8.43 -16.13 4.14
N GLU A 367 8.46 -16.92 3.07
CA GLU A 367 8.16 -18.34 3.19
C GLU A 367 9.15 -19.03 4.12
N ASN A 368 10.42 -18.63 4.07
CA ASN A 368 11.42 -19.21 4.96
C ASN A 368 11.11 -18.85 6.41
N GLU A 369 10.82 -17.57 6.67
CA GLU A 369 10.52 -17.13 8.03
C GLU A 369 9.25 -17.79 8.56
N TYR A 370 8.21 -17.92 7.74
CA TYR A 370 7.00 -18.60 8.22
C TYR A 370 7.30 -20.06 8.54
N ARG A 371 8.12 -20.70 7.70
CA ARG A 371 8.41 -22.12 7.90
C ARG A 371 9.31 -22.36 9.11
N CYS A 372 10.34 -21.54 9.29
CA CYS A 372 11.34 -21.78 10.32
CA CYS A 372 11.33 -21.79 10.33
C CYS A 372 11.22 -20.87 11.53
N ARG A 373 10.37 -19.84 11.47
CA ARG A 373 10.20 -18.93 12.58
C ARG A 373 8.75 -18.71 12.98
N GLY A 374 7.79 -19.08 12.13
CA GLY A 374 6.39 -18.87 12.42
C GLY A 374 5.85 -17.52 12.03
N GLY A 375 6.61 -16.69 11.34
CA GLY A 375 6.07 -15.42 10.93
C GLY A 375 7.14 -14.51 10.38
N CYS A 376 6.68 -13.37 9.89
CA CYS A 376 7.55 -12.33 9.36
C CYS A 376 6.79 -11.02 9.34
N PRO A 377 7.05 -10.12 10.30
CA PRO A 377 6.33 -8.84 10.29
C PRO A 377 6.69 -8.06 9.03
N ALA A 378 5.67 -7.46 8.40
CA ALA A 378 5.89 -6.85 7.11
C ALA A 378 4.90 -5.71 6.91
N ASP A 379 5.42 -4.58 6.41
CA ASP A 379 4.64 -3.37 6.17
C ASP A 379 4.36 -3.24 4.68
N TRP A 380 3.18 -3.70 4.25
CA TRP A 380 2.84 -3.70 2.82
C TRP A 380 3.03 -2.33 2.20
N VAL A 381 2.62 -1.27 2.91
CA VAL A 381 2.72 0.10 2.38
C VAL A 381 4.16 0.43 1.98
N TRP A 382 5.14 -0.07 2.74
CA TRP A 382 6.53 0.17 2.42
C TRP A 382 7.16 -0.92 1.55
N ILE A 383 6.71 -2.17 1.65
CA ILE A 383 7.32 -3.26 0.91
C ILE A 383 7.00 -3.19 -0.59
N VAL A 384 5.78 -2.79 -0.94
CA VAL A 384 5.41 -2.73 -2.36
C VAL A 384 6.14 -1.56 -3.02
N PRO A 385 6.88 -1.81 -4.11
CA PRO A 385 7.69 -0.75 -4.72
C PRO A 385 6.86 0.40 -5.26
N PRO A 386 7.44 1.59 -5.38
CA PRO A 386 6.69 2.77 -5.82
C PRO A 386 6.42 2.84 -7.31
N MET A 387 6.75 1.81 -8.10
CA MET A 387 6.26 1.71 -9.47
C MET A 387 5.90 0.26 -9.75
N SER A 388 5.01 0.06 -10.73
CA SER A 388 4.65 -1.28 -11.23
C SER A 388 4.25 -2.21 -10.09
N GLY A 389 3.54 -1.65 -9.10
CA GLY A 389 3.21 -2.39 -7.89
C GLY A 389 2.65 -3.78 -8.13
N SER A 390 1.58 -3.88 -8.95
CA SER A 390 0.86 -5.14 -9.00
C SER A 390 1.50 -6.19 -9.89
N ILE A 391 2.56 -5.86 -10.64
CA ILE A 391 3.30 -6.91 -11.35
C ILE A 391 4.50 -7.41 -10.54
N THR A 392 4.72 -6.89 -9.37
CA THR A 392 5.62 -7.52 -8.42
C THR A 392 4.84 -8.46 -7.50
N PRO A 393 5.44 -9.55 -7.03
CA PRO A 393 4.65 -10.54 -6.29
C PRO A 393 4.20 -10.07 -4.92
N VAL A 394 4.86 -9.07 -4.32
CA VAL A 394 4.47 -8.62 -2.99
C VAL A 394 3.11 -7.92 -2.99
N PHE A 395 2.69 -7.37 -4.12
CA PHE A 395 1.40 -6.68 -4.17
C PHE A 395 0.25 -7.62 -3.81
N HIS A 396 0.34 -8.87 -4.23
CA HIS A 396 -0.70 -9.85 -4.02
C HIS A 396 -0.52 -10.61 -2.72
N GLN A 397 0.46 -10.25 -1.91
CA GLN A 397 0.76 -10.97 -0.68
C GLN A 397 0.19 -10.23 0.51
N GLU A 398 -0.78 -10.84 1.20
CA GLU A 398 -1.19 -10.29 2.49
C GLU A 398 -0.02 -10.34 3.48
N MET A 399 0.09 -9.30 4.30
CA MET A 399 1.15 -9.17 5.28
C MET A 399 0.58 -8.71 6.61
N LEU A 400 1.17 -9.18 7.70
CA LEU A 400 0.82 -8.74 9.04
C LEU A 400 1.96 -7.89 9.55
N ASN A 401 1.65 -6.72 10.09
CA ASN A 401 2.65 -5.81 10.63
C ASN A 401 2.53 -5.73 12.14
N TYR A 402 3.65 -5.99 12.81
CA TYR A 402 3.75 -5.96 14.26
C TYR A 402 5.21 -5.71 14.62
N ARG A 403 5.43 -5.35 15.88
CA ARG A 403 6.71 -4.81 16.33
C ARG A 403 7.44 -5.84 17.18
N LEU A 404 8.56 -6.36 16.67
CA LEU A 404 9.42 -7.26 17.41
C LEU A 404 10.70 -6.55 17.80
N THR A 405 11.26 -6.98 18.93
CA THR A 405 12.51 -6.48 19.47
C THR A 405 13.55 -7.59 19.42
N PRO A 406 14.85 -7.27 19.17
CA PRO A 406 15.53 -6.01 18.85
C PRO A 406 14.97 -5.28 17.63
N SER A 407 15.11 -3.96 17.58
CA SER A 407 14.46 -3.16 16.54
C SER A 407 15.28 -1.92 16.22
N PHE A 408 15.12 -1.45 14.98
CA PHE A 408 15.49 -0.09 14.61
C PHE A 408 14.27 0.80 14.76
N GLU A 409 14.45 1.94 15.41
CA GLU A 409 13.37 2.88 15.65
C GLU A 409 13.77 4.26 15.17
N TYR A 410 12.77 5.08 14.87
CA TYR A 410 13.03 6.48 14.62
C TYR A 410 13.34 7.21 15.92
N GLN A 411 14.02 8.35 15.79
CA GLN A 411 14.32 9.18 16.94
C GLN A 411 14.33 10.63 16.49
N PRO A 412 14.20 11.58 17.42
CA PRO A 412 14.12 12.99 17.01
C PRO A 412 15.41 13.45 16.36
N ASP A 413 15.26 14.35 15.39
CA ASP A 413 16.43 14.98 14.78
C ASP A 413 17.21 15.73 15.86
N PRO A 414 18.53 15.57 15.92
CA PRO A 414 19.28 16.07 17.08
C PRO A 414 19.33 17.59 17.20
N TRP A 415 19.12 18.35 16.12
CA TRP A 415 19.20 19.80 16.28
C TRP A 415 18.01 20.35 17.05
N ASN A 416 16.89 19.62 17.10
CA ASN A 416 15.75 19.99 17.92
C ASN A 416 15.89 19.51 19.37
N THR A 417 16.96 18.77 19.68
CA THR A 417 17.17 18.20 21.00
C THR A 417 18.41 18.75 21.71
N HIS A 418 19.38 19.26 20.97
CA HIS A 418 20.71 19.50 21.54
C HIS A 418 20.75 20.85 22.24
N VAL A 419 21.05 20.82 23.54
CA VAL A 419 21.39 22.03 24.28
C VAL A 419 22.75 22.50 23.76
N TRP A 420 22.74 23.46 22.84
CA TRP A 420 23.92 23.82 22.06
C TRP A 420 25.08 24.37 22.90
N ARG B 3 -11.41 14.34 20.72
CA ARG B 3 -10.09 13.91 20.24
C ARG B 3 -9.82 14.41 18.82
N PHE B 4 -8.55 14.68 18.53
CA PHE B 4 -8.08 15.04 17.20
C PHE B 4 -7.16 13.96 16.67
N LEU B 5 -7.09 13.84 15.34
CA LEU B 5 -6.11 12.99 14.68
C LEU B 5 -5.61 13.69 13.41
N LYS B 6 -4.31 13.69 13.21
CA LYS B 6 -3.72 14.44 12.10
C LYS B 6 -3.13 13.49 11.06
N VAL B 7 -3.36 13.81 9.79
CA VAL B 7 -2.71 13.16 8.65
C VAL B 7 -1.90 14.21 7.90
N LYS B 8 -0.75 13.80 7.39
CA LYS B 8 0.15 14.69 6.68
C LYS B 8 0.32 14.22 5.24
N ASN B 9 0.45 15.17 4.33
CA ASN B 9 0.87 14.89 2.97
C ASN B 9 2.36 15.18 2.88
N TRP B 10 3.15 14.17 2.59
CA TRP B 10 4.61 14.34 2.68
C TRP B 10 5.20 15.03 1.47
N GLU B 11 4.40 15.25 0.43
CA GLU B 11 4.84 15.98 -0.74
C GLU B 11 4.58 17.48 -0.61
N THR B 12 3.50 17.85 0.08
CA THR B 12 3.06 19.23 0.22
C THR B 12 3.11 19.77 1.64
N ASP B 13 3.40 18.93 2.64
CA ASP B 13 3.37 19.26 4.06
C ASP B 13 2.00 19.72 4.56
N VAL B 14 0.91 19.51 3.79
CA VAL B 14 -0.42 19.82 4.27
C VAL B 14 -0.80 18.85 5.38
N VAL B 15 -1.31 19.38 6.49
CA VAL B 15 -1.77 18.55 7.61
C VAL B 15 -3.25 18.77 7.81
N LEU B 16 -4.02 17.68 7.82
CA LEU B 16 -5.45 17.74 8.07
C LEU B 16 -5.78 17.09 9.41
N THR B 17 -6.92 17.49 9.97
CA THR B 17 -7.33 17.06 11.30
C THR B 17 -8.62 16.26 11.19
N ASP B 18 -8.58 15.02 11.68
CA ASP B 18 -9.72 14.12 11.56
C ASP B 18 -10.47 14.11 12.88
N THR B 19 -11.75 14.50 12.81
CA THR B 19 -12.69 14.29 13.91
C THR B 19 -13.76 13.27 13.57
N LEU B 20 -13.95 12.97 12.28
CA LEU B 20 -15.03 12.08 11.87
C LEU B 20 -14.80 10.67 12.39
N HIS B 21 -13.53 10.30 12.65
CA HIS B 21 -13.24 8.96 13.14
C HIS B 21 -13.89 8.69 14.49
N LEU B 22 -14.32 9.75 15.19
CA LEU B 22 -15.05 9.57 16.44
C LEU B 22 -16.42 8.95 16.22
N LYS B 23 -16.99 9.06 15.03
CA LYS B 23 -18.27 8.46 14.71
C LYS B 23 -18.14 7.07 14.10
N SER B 24 -16.96 6.44 14.21
CA SER B 24 -16.79 5.12 13.61
C SER B 24 -17.30 4.03 14.56
N THR B 25 -17.52 2.86 13.99
CA THR B 25 -18.43 1.88 14.58
C THR B 25 -17.82 0.49 14.71
N LEU B 26 -17.91 -0.30 13.63
CA LEU B 26 -17.47 -1.68 13.63
C LEU B 26 -15.96 -1.76 13.80
N GLU B 27 -15.36 -2.88 13.45
CA GLU B 27 -13.95 -3.11 13.66
C GLU B 27 -13.18 -2.88 12.37
N THR B 28 -11.88 -2.62 12.53
CA THR B 28 -10.97 -2.56 11.39
C THR B 28 -10.28 -3.88 11.14
N GLY B 29 -10.20 -4.74 12.15
CA GLY B 29 -9.34 -5.89 12.13
C GLY B 29 -8.00 -5.69 12.78
N CYS B 30 -7.64 -4.44 13.10
CA CYS B 30 -6.35 -4.15 13.72
C CYS B 30 -6.46 -4.12 15.24
N THR B 31 -5.31 -4.18 15.89
CA THR B 31 -5.20 -3.98 17.33
C THR B 31 -3.94 -3.16 17.60
N GLU B 32 -3.73 -2.80 18.87
CA GLU B 32 -2.48 -2.14 19.22
C GLU B 32 -1.27 -3.01 18.96
N HIS B 33 -1.47 -4.31 18.71
CA HIS B 33 -0.36 -5.24 18.56
C HIS B 33 -0.22 -5.81 17.16
N ILE B 34 -1.19 -5.61 16.28
CA ILE B 34 -1.06 -6.07 14.90
C ILE B 34 -1.86 -5.16 13.99
N CYS B 35 -1.27 -4.83 12.83
CA CYS B 35 -1.96 -4.10 11.78
C CYS B 35 -2.33 -5.08 10.69
N MET B 36 -3.62 -5.15 10.38
CA MET B 36 -4.15 -6.00 9.31
C MET B 36 -4.57 -5.17 8.11
N GLY B 37 -3.92 -4.02 7.93
CA GLY B 37 -4.23 -3.11 6.84
C GLY B 37 -4.07 -3.68 5.44
N SER B 38 -3.28 -4.74 5.27
CA SER B 38 -3.15 -5.35 3.95
C SER B 38 -3.95 -6.64 3.79
N ILE B 39 -4.73 -7.02 4.79
CA ILE B 39 -5.60 -8.18 4.69
C ILE B 39 -6.84 -7.82 3.87
N MET B 40 -7.19 -8.66 2.88
CA MET B 40 -8.27 -8.34 1.96
C MET B 40 -9.65 -8.40 2.62
N LEU B 41 -9.91 -9.42 3.41
CA LEU B 41 -11.27 -9.69 3.95
C LEU B 41 -11.26 -9.76 5.45
N PRO B 42 -12.46 -9.70 6.08
CA PRO B 42 -12.52 -9.98 7.52
C PRO B 42 -12.54 -11.49 7.80
N VAL B 52 -29.14 -13.22 11.06
CA VAL B 52 -29.85 -11.96 10.87
C VAL B 52 -30.06 -11.28 12.23
N ARG B 53 -30.43 -10.01 12.21
CA ARG B 53 -30.55 -9.18 13.39
C ARG B 53 -31.89 -9.38 14.09
N THR B 54 -31.88 -9.12 15.40
CA THR B 54 -33.10 -9.09 16.20
C THR B 54 -33.48 -7.65 16.51
N LYS B 55 -34.76 -7.48 16.86
CA LYS B 55 -35.31 -6.22 17.37
C LYS B 55 -34.34 -5.57 18.35
N ASP B 56 -33.69 -6.42 19.14
CA ASP B 56 -32.65 -6.07 20.12
C ASP B 56 -31.71 -4.98 19.62
N GLN B 57 -30.78 -5.34 18.75
CA GLN B 57 -29.75 -4.42 18.27
C GLN B 57 -30.22 -3.53 17.13
N LEU B 58 -31.44 -3.73 16.61
CA LEU B 58 -31.82 -3.02 15.38
C LEU B 58 -32.24 -1.58 15.64
N PHE B 59 -32.98 -1.31 16.72
CA PHE B 59 -33.44 0.07 16.85
C PHE B 59 -32.31 1.06 17.15
N PRO B 60 -31.29 0.71 17.93
CA PRO B 60 -30.13 1.62 18.00
C PRO B 60 -29.52 1.91 16.64
N LEU B 61 -29.40 0.90 15.78
CA LEU B 61 -28.86 1.13 14.44
C LEU B 61 -29.81 1.99 13.62
N ALA B 62 -31.12 1.78 13.77
CA ALA B 62 -32.06 2.61 13.04
C ALA B 62 -32.03 4.04 13.56
N LYS B 63 -31.97 4.21 14.88
CA LYS B 63 -31.99 5.55 15.46
C LYS B 63 -30.76 6.34 15.04
N GLU B 64 -29.57 5.72 15.13
CA GLU B 64 -28.35 6.41 14.69
C GLU B 64 -28.47 6.86 13.25
N PHE B 65 -29.01 6.01 12.38
CA PHE B 65 -29.16 6.38 10.97
C PHE B 65 -30.16 7.51 10.79
N LEU B 66 -31.31 7.43 11.48
CA LEU B 66 -32.32 8.48 11.31
C LEU B 66 -31.83 9.80 11.85
N ASP B 67 -31.11 9.79 12.98
CA ASP B 67 -30.48 11.01 13.47
C ASP B 67 -29.56 11.62 12.42
N GLN B 68 -28.73 10.79 11.77
CA GLN B 68 -27.85 11.29 10.73
C GLN B 68 -28.65 11.82 9.55
N TYR B 69 -29.71 11.11 9.16
CA TYR B 69 -30.53 11.57 8.04
C TYR B 69 -31.15 12.91 8.36
N TYR B 70 -31.81 13.04 9.51
CA TYR B 70 -32.47 14.30 9.83
C TYR B 70 -31.49 15.43 10.13
N SER B 71 -30.27 15.12 10.57
CA SER B 71 -29.26 16.17 10.66
C SER B 71 -28.89 16.70 9.28
N SER B 72 -28.69 15.80 8.32
CA SER B 72 -28.30 16.20 6.98
C SER B 72 -29.33 17.10 6.31
N ILE B 73 -30.62 16.95 6.66
CA ILE B 73 -31.65 17.82 6.08
C ILE B 73 -32.01 18.98 6.99
N LYS B 74 -31.19 19.26 8.01
CA LYS B 74 -31.42 20.38 8.93
C LYS B 74 -32.77 20.26 9.63
N ARG B 75 -33.09 19.04 10.06
CA ARG B 75 -34.36 18.80 10.77
C ARG B 75 -34.16 17.97 12.03
N PHE B 76 -32.96 17.98 12.61
CA PHE B 76 -32.71 17.20 13.81
C PHE B 76 -33.56 17.70 14.96
N GLY B 77 -34.23 16.77 15.64
CA GLY B 77 -35.14 17.09 16.71
C GLY B 77 -36.48 17.64 16.28
N SER B 78 -36.72 17.74 14.97
CA SER B 78 -38.00 18.25 14.50
C SER B 78 -39.12 17.27 14.84
N LYS B 79 -40.35 17.75 14.70
CA LYS B 79 -41.50 16.86 14.87
C LYS B 79 -41.46 15.74 13.84
N ALA B 80 -41.12 16.05 12.59
CA ALA B 80 -40.96 15.02 11.58
C ALA B 80 -39.92 13.98 11.99
N HIS B 81 -38.80 14.43 12.57
CA HIS B 81 -37.79 13.52 13.07
C HIS B 81 -38.33 12.66 14.21
N MET B 82 -38.95 13.28 15.21
CA MET B 82 -39.43 12.52 16.35
C MET B 82 -40.56 11.56 15.96
N ASP B 83 -41.43 11.98 15.04
CA ASP B 83 -42.49 11.10 14.56
C ASP B 83 -41.91 9.86 13.88
N ARG B 84 -40.93 10.07 13.00
CA ARG B 84 -40.33 8.96 12.26
C ARG B 84 -39.67 7.95 13.20
N LEU B 85 -38.95 8.44 14.21
CA LEU B 85 -38.36 7.55 15.21
C LEU B 85 -39.42 6.72 15.93
N GLU B 86 -40.52 7.35 16.31
CA GLU B 86 -41.62 6.62 16.95
C GLU B 86 -42.22 5.60 16.00
N GLU B 87 -42.46 6.02 14.76
CA GLU B 87 -43.01 5.14 13.73
C GLU B 87 -42.12 3.92 13.52
N VAL B 88 -40.81 4.13 13.38
CA VAL B 88 -39.90 3.01 13.14
C VAL B 88 -39.79 2.13 14.38
N ASN B 89 -39.79 2.73 15.56
CA ASN B 89 -39.79 1.97 16.81
C ASN B 89 -40.94 0.97 16.85
N LYS B 90 -42.17 1.46 16.64
CA LYS B 90 -43.34 0.59 16.71
C LYS B 90 -43.32 -0.47 15.63
N GLU B 91 -42.83 -0.10 14.44
CA GLU B 91 -42.76 -1.07 13.35
C GLU B 91 -41.76 -2.18 13.65
N ILE B 92 -40.66 -1.83 14.31
CA ILE B 92 -39.71 -2.86 14.74
C ILE B 92 -40.32 -3.73 15.84
N GLU B 93 -41.05 -3.12 16.78
CA GLU B 93 -41.60 -3.92 17.88
C GLU B 93 -42.65 -4.90 17.37
N SER B 94 -43.46 -4.50 16.39
CA SER B 94 -44.56 -5.33 15.93
C SER B 94 -44.19 -6.21 14.75
N THR B 95 -43.30 -5.77 13.87
CA THR B 95 -42.94 -6.56 12.70
C THR B 95 -41.50 -7.09 12.74
N SER B 96 -40.70 -6.66 13.71
CA SER B 96 -39.31 -7.08 13.92
C SER B 96 -38.36 -6.48 12.89
N THR B 97 -38.83 -5.59 12.03
CA THR B 97 -38.00 -4.89 11.06
C THR B 97 -38.69 -3.58 10.72
N TYR B 98 -38.20 -2.87 9.71
CA TYR B 98 -38.87 -1.66 9.27
C TYR B 98 -38.52 -1.39 7.82
N GLN B 99 -39.31 -0.50 7.21
CA GLN B 99 -39.11 -0.09 5.84
C GLN B 99 -38.58 1.34 5.80
N LEU B 100 -37.61 1.57 4.91
CA LEU B 100 -37.08 2.89 4.66
C LEU B 100 -37.98 3.68 3.72
N LYS B 101 -38.14 4.97 4.00
CA LYS B 101 -38.72 5.86 3.00
C LYS B 101 -37.78 5.97 1.80
N ASP B 102 -38.36 6.34 0.65
CA ASP B 102 -37.56 6.55 -0.56
C ASP B 102 -36.40 7.52 -0.31
N THR B 103 -36.68 8.61 0.39
CA THR B 103 -35.65 9.62 0.65
C THR B 103 -34.53 9.06 1.51
N GLU B 104 -34.87 8.20 2.48
CA GLU B 104 -33.85 7.61 3.34
C GLU B 104 -33.02 6.60 2.55
N LEU B 105 -33.67 5.83 1.67
CA LEU B 105 -32.94 4.86 0.86
C LEU B 105 -31.90 5.56 0.00
N ILE B 106 -32.28 6.66 -0.66
CA ILE B 106 -31.36 7.39 -1.54
C ILE B 106 -30.20 7.95 -0.72
N TYR B 107 -30.53 8.64 0.37
CA TYR B 107 -29.50 9.15 1.28
C TYR B 107 -28.56 8.03 1.71
N GLY B 108 -29.13 6.90 2.14
CA GLY B 108 -28.29 5.81 2.63
C GLY B 108 -27.34 5.28 1.56
N ALA B 109 -27.86 5.08 0.35
CA ALA B 109 -27.02 4.54 -0.72
C ALA B 109 -25.91 5.51 -1.08
N LYS B 110 -26.22 6.80 -1.18
CA LYS B 110 -25.18 7.79 -1.45
C LYS B 110 -24.11 7.77 -0.37
N HIS B 111 -24.52 7.58 0.88
CA HIS B 111 -23.55 7.68 1.96
C HIS B 111 -22.74 6.41 2.14
N ALA B 112 -23.30 5.26 1.76
CA ALA B 112 -22.49 4.05 1.68
C ALA B 112 -21.35 4.21 0.68
N TRP B 113 -21.65 4.81 -0.47
CA TRP B 113 -20.58 5.14 -1.42
C TRP B 113 -19.59 6.12 -0.79
N ARG B 114 -20.10 7.23 -0.24
CA ARG B 114 -19.23 8.23 0.38
C ARG B 114 -18.32 7.63 1.45
N ASN B 115 -18.79 6.57 2.13
CA ASN B 115 -18.02 5.94 3.19
C ASN B 115 -17.14 4.79 2.72
N ALA B 116 -17.13 4.50 1.42
CA ALA B 116 -16.38 3.36 0.92
C ALA B 116 -14.88 3.68 0.94
N SER B 117 -14.18 3.23 1.99
CA SER B 117 -12.79 3.68 2.14
C SER B 117 -11.85 3.13 1.06
N ARG B 118 -12.25 2.11 0.31
CA ARG B 118 -11.40 1.60 -0.75
C ARG B 118 -11.65 2.23 -2.11
N CYS B 119 -12.57 3.19 -2.23
CA CYS B 119 -12.98 3.71 -3.53
C CYS B 119 -12.32 5.05 -3.80
N VAL B 120 -11.53 5.12 -4.87
CA VAL B 120 -10.86 6.38 -5.22
C VAL B 120 -11.76 7.32 -6.01
N GLY B 121 -12.94 6.85 -6.41
CA GLY B 121 -13.79 7.65 -7.28
C GLY B 121 -14.86 8.42 -6.54
N ARG B 122 -14.68 8.59 -5.23
CA ARG B 122 -15.77 9.10 -4.39
C ARG B 122 -16.05 10.58 -4.58
N ILE B 123 -15.26 11.32 -5.37
CA ILE B 123 -15.62 12.71 -5.60
C ILE B 123 -17.02 12.81 -6.19
N GLN B 124 -17.48 11.75 -6.83
CA GLN B 124 -18.75 11.70 -7.54
C GLN B 124 -19.92 11.25 -6.67
N TRP B 125 -19.72 11.07 -5.36
CA TRP B 125 -20.67 10.29 -4.56
C TRP B 125 -22.07 10.89 -4.53
N SER B 126 -22.19 12.21 -4.59
CA SER B 126 -23.52 12.81 -4.51
C SER B 126 -24.30 12.67 -5.80
N LYS B 127 -23.66 12.28 -6.90
CA LYS B 127 -24.35 12.09 -8.18
C LYS B 127 -24.47 10.59 -8.45
N LEU B 128 -25.37 9.97 -7.70
CA LEU B 128 -25.70 8.57 -7.82
C LEU B 128 -27.16 8.47 -8.21
N GLN B 129 -27.46 7.72 -9.25
CA GLN B 129 -28.83 7.43 -9.62
C GLN B 129 -29.27 6.16 -8.89
N VAL B 130 -30.30 6.28 -8.06
CA VAL B 130 -30.77 5.19 -7.21
C VAL B 130 -32.05 4.63 -7.83
N PHE B 131 -32.05 3.34 -8.16
CA PHE B 131 -33.22 2.66 -8.69
C PHE B 131 -33.79 1.75 -7.59
N ASP B 132 -35.00 2.08 -7.13
CA ASP B 132 -35.65 1.36 -6.05
C ASP B 132 -36.33 0.13 -6.63
N ALA B 133 -35.75 -1.05 -6.41
CA ALA B 133 -36.32 -2.32 -6.87
C ALA B 133 -36.87 -3.14 -5.71
N ARG B 134 -37.34 -2.47 -4.66
CA ARG B 134 -37.80 -3.18 -3.48
C ARG B 134 -39.15 -3.84 -3.70
N ASP B 135 -39.86 -3.50 -4.79
CA ASP B 135 -41.10 -4.19 -5.12
C ASP B 135 -40.88 -5.45 -5.95
N CYS B 136 -39.62 -5.82 -6.23
CA CYS B 136 -39.33 -6.98 -7.05
C CYS B 136 -39.64 -8.26 -6.28
N THR B 137 -40.13 -9.29 -6.99
CA THR B 137 -40.49 -10.55 -6.33
C THR B 137 -39.93 -11.79 -6.99
N THR B 138 -39.51 -11.75 -8.25
CA THR B 138 -39.09 -12.94 -8.97
C THR B 138 -37.76 -12.65 -9.66
N ALA B 139 -37.07 -13.74 -10.04
CA ALA B 139 -35.81 -13.58 -10.75
C ALA B 139 -36.01 -12.92 -12.10
N HIS B 140 -37.11 -13.24 -12.77
CA HIS B 140 -37.43 -12.55 -14.02
C HIS B 140 -37.56 -11.05 -13.80
N GLY B 141 -38.20 -10.65 -12.69
CA GLY B 141 -38.28 -9.23 -12.39
C GLY B 141 -36.92 -8.62 -12.07
N MET B 142 -36.06 -9.36 -11.38
CA MET B 142 -34.69 -8.90 -11.18
C MET B 142 -34.01 -8.66 -12.51
N PHE B 143 -34.17 -9.61 -13.46
CA PHE B 143 -33.54 -9.45 -14.77
C PHE B 143 -33.98 -8.17 -15.45
N ASN B 144 -35.27 -7.86 -15.41
CA ASN B 144 -35.75 -6.64 -16.04
C ASN B 144 -35.12 -5.41 -15.40
N TYR B 145 -35.09 -5.37 -14.07
CA TYR B 145 -34.48 -4.24 -13.37
C TYR B 145 -33.00 -4.06 -13.73
N ILE B 146 -32.28 -5.17 -13.88
CA ILE B 146 -30.84 -5.08 -14.15
C ILE B 146 -30.61 -4.66 -15.61
N CYS B 147 -31.41 -5.15 -16.55
CA CYS B 147 -31.29 -4.66 -17.91
C CYS B 147 -31.46 -3.15 -17.96
N ASN B 148 -32.47 -2.62 -17.26
CA ASN B 148 -32.73 -1.20 -17.30
C ASN B 148 -31.62 -0.41 -16.62
N HIS B 149 -31.03 -0.98 -15.57
CA HIS B 149 -29.87 -0.35 -14.94
C HIS B 149 -28.71 -0.30 -15.93
N VAL B 150 -28.44 -1.43 -16.62
CA VAL B 150 -27.35 -1.46 -17.58
C VAL B 150 -27.56 -0.46 -18.69
N LYS B 151 -28.80 -0.36 -19.21
CA LYS B 151 -29.05 0.57 -20.29
C LYS B 151 -28.84 1.99 -19.81
N TYR B 152 -29.42 2.32 -18.65
CA TYR B 152 -29.33 3.69 -18.13
C TYR B 152 -27.89 4.08 -17.88
N ALA B 153 -27.16 3.20 -17.20
CA ALA B 153 -25.80 3.54 -16.78
C ALA B 153 -24.87 3.63 -17.98
N THR B 154 -25.11 2.80 -19.00
CA THR B 154 -24.23 2.81 -20.17
C THR B 154 -24.41 4.09 -20.97
N ASN B 155 -25.66 4.44 -21.29
CA ASN B 155 -25.97 5.75 -21.88
C ASN B 155 -25.15 5.98 -23.15
N LYS B 156 -25.00 4.92 -23.95
CA LYS B 156 -24.30 4.93 -25.24
C LYS B 156 -22.85 5.37 -25.09
N GLY B 157 -22.26 5.11 -23.92
CA GLY B 157 -20.87 5.40 -23.66
C GLY B 157 -20.64 6.57 -22.73
N ASN B 158 -21.63 7.44 -22.57
CA ASN B 158 -21.59 8.52 -21.60
C ASN B 158 -22.08 7.98 -20.26
N LEU B 159 -21.20 7.24 -19.59
CA LEU B 159 -21.60 6.44 -18.44
C LEU B 159 -22.11 7.30 -17.29
N ARG B 160 -23.08 6.75 -16.56
CA ARG B 160 -23.71 7.40 -15.43
C ARG B 160 -23.72 6.43 -14.26
N SER B 161 -23.33 6.91 -13.08
CA SER B 161 -23.33 6.08 -11.88
C SER B 161 -24.74 5.66 -11.49
N ALA B 162 -24.91 4.39 -11.15
CA ALA B 162 -26.23 3.96 -10.73
C ALA B 162 -26.13 2.81 -9.74
N ILE B 163 -27.21 2.62 -8.99
CA ILE B 163 -27.34 1.48 -8.08
C ILE B 163 -28.79 1.05 -8.12
N THR B 164 -29.01 -0.26 -8.10
CA THR B 164 -30.35 -0.84 -8.06
C THR B 164 -30.50 -1.63 -6.77
N ILE B 165 -31.55 -1.34 -6.00
CA ILE B 165 -31.66 -1.89 -4.65
C ILE B 165 -32.85 -2.82 -4.57
N PHE B 166 -32.57 -4.11 -4.37
CA PHE B 166 -33.58 -5.14 -4.27
C PHE B 166 -34.00 -5.32 -2.82
N PRO B 167 -35.08 -6.07 -2.56
CA PRO B 167 -35.61 -6.12 -1.19
C PRO B 167 -34.58 -6.57 -0.16
N GLN B 168 -34.71 -5.99 1.03
CA GLN B 168 -33.79 -6.26 2.13
C GLN B 168 -33.95 -7.69 2.65
N ARG B 169 -32.95 -8.13 3.40
CA ARG B 169 -33.00 -9.41 4.07
C ARG B 169 -34.10 -9.41 5.12
N THR B 170 -34.75 -10.56 5.29
CA THR B 170 -35.75 -10.71 6.33
C THR B 170 -35.19 -11.70 7.36
N ASP B 171 -35.35 -13.00 7.16
CA ASP B 171 -34.82 -14.00 8.10
C ASP B 171 -33.55 -14.67 7.59
N GLY B 172 -32.96 -14.18 6.50
CA GLY B 172 -31.78 -14.81 5.94
C GLY B 172 -32.05 -16.07 5.15
N LYS B 173 -33.29 -16.55 5.13
CA LYS B 173 -33.71 -17.69 4.32
C LYS B 173 -34.42 -17.26 3.04
N HIS B 174 -34.57 -15.96 2.81
CA HIS B 174 -35.30 -15.44 1.67
C HIS B 174 -34.51 -14.38 0.94
N ASP B 175 -33.18 -14.53 0.90
CA ASP B 175 -32.36 -13.46 0.35
C ASP B 175 -32.57 -13.28 -1.14
N PHE B 176 -32.55 -12.02 -1.58
CA PHE B 176 -32.27 -11.71 -2.97
C PHE B 176 -30.75 -11.65 -3.16
N ARG B 177 -30.26 -12.32 -4.20
CA ARG B 177 -28.83 -12.30 -4.50
C ARG B 177 -28.61 -12.26 -6.00
N VAL B 178 -27.63 -11.48 -6.43
CA VAL B 178 -27.05 -11.62 -7.76
C VAL B 178 -25.81 -12.48 -7.61
N TRP B 179 -25.84 -13.68 -8.20
CA TRP B 179 -24.72 -14.62 -8.00
C TRP B 179 -23.45 -14.17 -8.73
N ASN B 180 -23.60 -13.43 -9.82
CA ASN B 180 -22.42 -12.84 -10.45
C ASN B 180 -21.77 -11.86 -9.49
N SER B 181 -20.42 -11.88 -9.45
CA SER B 181 -19.70 -10.87 -8.69
C SER B 181 -19.77 -9.51 -9.36
N GLN B 182 -19.84 -9.47 -10.70
CA GLN B 182 -20.09 -8.24 -11.45
C GLN B 182 -21.10 -8.53 -12.55
N LEU B 183 -21.92 -7.53 -12.90
CA LEU B 183 -22.97 -7.74 -13.90
C LEU B 183 -22.40 -8.18 -15.24
N ILE B 184 -21.31 -7.54 -15.68
CA ILE B 184 -20.64 -7.87 -16.94
C ILE B 184 -19.27 -8.46 -16.63
N ARG B 185 -19.03 -9.70 -17.08
CA ARG B 185 -17.74 -10.36 -16.93
C ARG B 185 -17.58 -11.43 -18.00
N TYR B 186 -16.33 -11.75 -18.37
CA TYR B 186 -16.12 -12.78 -19.36
C TYR B 186 -15.93 -14.15 -18.71
N ALA B 187 -16.41 -15.19 -19.41
CA ALA B 187 -16.25 -16.57 -18.96
C ALA B 187 -14.78 -16.96 -18.91
N GLY B 188 -14.50 -17.94 -18.06
CA GLY B 188 -13.21 -18.64 -18.09
C GLY B 188 -13.43 -20.14 -18.14
N TYR B 189 -12.59 -20.82 -18.91
CA TYR B 189 -12.72 -22.26 -19.10
C TYR B 189 -11.37 -22.93 -18.88
N LYS B 190 -11.32 -23.85 -17.92
CA LYS B 190 -10.13 -24.68 -17.73
C LYS B 190 -10.13 -25.80 -18.77
N GLN B 191 -9.02 -25.92 -19.51
CA GLN B 191 -8.82 -26.97 -20.50
C GLN B 191 -8.18 -28.19 -19.86
N PRO B 192 -8.41 -29.38 -20.43
CA PRO B 192 -7.78 -30.60 -19.90
C PRO B 192 -6.26 -30.55 -19.85
N ASP B 193 -5.61 -29.69 -20.65
CA ASP B 193 -4.17 -29.53 -20.60
C ASP B 193 -3.72 -28.54 -19.54
N GLY B 194 -4.64 -28.06 -18.70
CA GLY B 194 -4.30 -27.17 -17.61
C GLY B 194 -4.28 -25.70 -17.97
N SER B 195 -4.28 -25.35 -19.26
CA SER B 195 -4.38 -23.95 -19.64
C SER B 195 -5.81 -23.44 -19.44
N THR B 196 -5.96 -22.13 -19.53
CA THR B 196 -7.23 -21.46 -19.33
C THR B 196 -7.58 -20.63 -20.55
N LEU B 197 -8.81 -20.75 -21.05
CA LEU B 197 -9.33 -19.91 -22.10
C LEU B 197 -10.25 -18.87 -21.48
N GLY B 198 -10.05 -17.60 -21.85
CA GLY B 198 -10.84 -16.54 -21.26
C GLY B 198 -10.25 -16.04 -19.94
N ASP B 199 -11.13 -15.60 -19.04
CA ASP B 199 -10.73 -14.95 -17.80
C ASP B 199 -10.53 -15.99 -16.71
N PRO B 200 -9.29 -16.27 -16.29
CA PRO B 200 -9.08 -17.31 -15.26
C PRO B 200 -9.81 -17.05 -13.96
N ALA B 201 -10.10 -15.80 -13.63
CA ALA B 201 -10.76 -15.50 -12.37
C ALA B 201 -12.20 -16.00 -12.33
N ASN B 202 -12.81 -16.29 -13.48
CA ASN B 202 -14.23 -16.63 -13.56
C ASN B 202 -14.48 -18.10 -13.85
N VAL B 203 -13.46 -18.96 -13.72
CA VAL B 203 -13.61 -20.38 -14.06
C VAL B 203 -14.67 -21.03 -13.19
N GLN B 204 -14.67 -20.76 -11.88
CA GLN B 204 -15.61 -21.44 -11.01
C GLN B 204 -17.03 -20.99 -11.30
N PHE B 205 -17.24 -19.69 -11.48
CA PHE B 205 -18.58 -19.19 -11.74
C PHE B 205 -19.07 -19.61 -13.12
N THR B 206 -18.18 -19.63 -14.10
CA THR B 206 -18.52 -20.19 -15.41
C THR B 206 -19.03 -21.63 -15.27
N GLU B 207 -18.37 -22.43 -14.43
CA GLU B 207 -18.78 -23.83 -14.28
C GLU B 207 -20.16 -23.94 -13.68
N ILE B 208 -20.49 -23.07 -12.71
CA ILE B 208 -21.84 -23.06 -12.16
C ILE B 208 -22.85 -22.74 -13.25
N CYS B 209 -22.62 -21.65 -14.00
CA CYS B 209 -23.49 -21.30 -15.10
C CYS B 209 -23.66 -22.46 -16.06
N ILE B 210 -22.56 -23.14 -16.42
CA ILE B 210 -22.67 -24.27 -17.33
C ILE B 210 -23.51 -25.38 -16.72
N GLN B 211 -23.27 -25.68 -15.45
CA GLN B 211 -24.07 -26.71 -14.78
C GLN B 211 -25.55 -26.32 -14.71
N GLN B 212 -25.84 -25.03 -14.54
CA GLN B 212 -27.21 -24.54 -14.49
C GLN B 212 -27.87 -24.49 -15.85
N GLY B 213 -27.15 -24.84 -16.92
CA GLY B 213 -27.74 -24.95 -18.25
C GLY B 213 -27.24 -23.98 -19.28
N TRP B 214 -26.31 -23.09 -18.93
CA TRP B 214 -25.77 -22.15 -19.90
C TRP B 214 -25.02 -22.92 -20.99
N LYS B 215 -25.34 -22.62 -22.25
CA LYS B 215 -24.60 -23.15 -23.39
C LYS B 215 -23.46 -22.20 -23.68
N ALA B 216 -22.24 -22.63 -23.38
CA ALA B 216 -21.08 -21.75 -23.42
C ALA B 216 -20.52 -21.70 -24.83
N PRO B 217 -20.31 -20.50 -25.40
CA PRO B 217 -19.64 -20.42 -26.71
C PRO B 217 -18.21 -20.94 -26.67
N ARG B 218 -17.56 -20.89 -25.50
CA ARG B 218 -16.17 -21.32 -25.32
C ARG B 218 -15.23 -20.49 -26.18
N GLY B 219 -15.31 -19.17 -26.01
CA GLY B 219 -14.38 -18.23 -26.57
C GLY B 219 -13.68 -17.44 -25.48
N ARG B 220 -12.79 -16.55 -25.93
CA ARG B 220 -11.95 -15.81 -24.99
C ARG B 220 -12.67 -14.63 -24.34
N PHE B 221 -13.76 -14.13 -24.94
CA PHE B 221 -14.45 -12.95 -24.43
C PHE B 221 -15.97 -13.13 -24.47
N ASP B 222 -16.46 -14.20 -23.85
CA ASP B 222 -17.89 -14.49 -23.80
C ASP B 222 -18.49 -13.83 -22.55
N VAL B 223 -19.43 -12.90 -22.76
CA VAL B 223 -20.14 -12.29 -21.64
C VAL B 223 -20.90 -13.37 -20.89
N LEU B 224 -20.71 -13.42 -19.57
CA LEU B 224 -21.40 -14.42 -18.77
C LEU B 224 -22.90 -14.08 -18.68
N PRO B 225 -23.75 -15.09 -18.46
CA PRO B 225 -25.16 -14.83 -18.21
C PRO B 225 -25.38 -14.41 -16.76
N LEU B 226 -26.49 -13.71 -16.52
CA LEU B 226 -26.88 -13.39 -15.17
C LEU B 226 -27.47 -14.62 -14.51
N LEU B 227 -27.10 -14.82 -13.23
CA LEU B 227 -27.61 -15.89 -12.40
C LEU B 227 -28.27 -15.23 -11.19
N LEU B 228 -29.60 -15.24 -11.13
CA LEU B 228 -30.33 -14.35 -10.25
C LEU B 228 -31.21 -15.13 -9.29
N GLN B 229 -31.16 -14.74 -8.01
CA GLN B 229 -31.89 -15.42 -6.93
C GLN B 229 -32.85 -14.43 -6.28
N ALA B 230 -34.15 -14.71 -6.37
CA ALA B 230 -35.17 -13.89 -5.72
C ALA B 230 -35.75 -14.64 -4.53
N ASN B 231 -35.86 -13.95 -3.39
CA ASN B 231 -36.68 -14.43 -2.27
C ASN B 231 -36.20 -15.78 -1.74
N GLY B 232 -34.89 -16.04 -1.85
CA GLY B 232 -34.31 -17.29 -1.37
C GLY B 232 -34.55 -18.50 -2.26
N ASN B 233 -35.20 -18.34 -3.40
CA ASN B 233 -35.40 -19.44 -4.32
C ASN B 233 -34.10 -19.79 -5.07
N ASP B 234 -34.15 -20.90 -5.80
CA ASP B 234 -33.01 -21.31 -6.61
C ASP B 234 -32.74 -20.25 -7.69
N PRO B 235 -31.48 -19.99 -8.03
CA PRO B 235 -31.20 -18.97 -9.04
C PRO B 235 -31.62 -19.43 -10.44
N GLU B 236 -31.83 -18.44 -11.31
CA GLU B 236 -32.22 -18.70 -12.69
C GLU B 236 -31.31 -17.93 -13.63
N LEU B 237 -31.08 -18.51 -14.81
CA LEU B 237 -30.15 -17.95 -15.79
C LEU B 237 -30.86 -17.02 -16.75
N PHE B 238 -30.15 -15.96 -17.13
CA PHE B 238 -30.64 -14.93 -18.04
C PHE B 238 -29.47 -14.37 -18.84
N GLN B 239 -29.69 -14.18 -20.13
CA GLN B 239 -28.69 -13.61 -21.02
C GLN B 239 -28.98 -12.12 -21.17
N ILE B 240 -28.02 -11.30 -20.78
CA ILE B 240 -28.14 -9.86 -21.03
C ILE B 240 -28.25 -9.65 -22.53
N PRO B 241 -29.20 -8.87 -23.02
CA PRO B 241 -29.27 -8.62 -24.46
C PRO B 241 -27.95 -8.06 -24.96
N PRO B 242 -27.35 -8.69 -25.97
CA PRO B 242 -26.00 -8.25 -26.38
C PRO B 242 -25.95 -6.80 -26.80
N GLU B 243 -27.05 -6.26 -27.36
CA GLU B 243 -27.06 -4.84 -27.73
C GLU B 243 -26.96 -3.92 -26.52
N LEU B 244 -27.20 -4.44 -25.32
CA LEU B 244 -27.01 -3.66 -24.09
C LEU B 244 -25.58 -3.72 -23.55
N VAL B 245 -24.74 -4.61 -24.05
CA VAL B 245 -23.39 -4.79 -23.48
C VAL B 245 -22.41 -4.05 -24.37
N LEU B 246 -21.97 -2.87 -23.92
CA LEU B 246 -21.09 -2.04 -24.72
C LEU B 246 -19.66 -2.52 -24.51
N GLU B 247 -18.94 -2.74 -25.61
CA GLU B 247 -17.57 -3.26 -25.58
C GLU B 247 -16.66 -2.40 -26.42
N VAL B 248 -15.37 -2.38 -26.04
CA VAL B 248 -14.37 -1.55 -26.70
C VAL B 248 -13.22 -2.42 -27.20
N PRO B 249 -13.03 -2.55 -28.51
CA PRO B 249 -11.84 -3.25 -29.02
C PRO B 249 -10.60 -2.43 -28.70
N ILE B 250 -9.54 -3.10 -28.25
CA ILE B 250 -8.36 -2.40 -27.78
C ILE B 250 -7.35 -2.31 -28.92
N ARG B 251 -6.96 -1.08 -29.25
CA ARG B 251 -5.85 -0.82 -30.16
C ARG B 251 -4.91 0.22 -29.54
N HIS B 252 -3.75 0.35 -30.15
CA HIS B 252 -2.69 1.22 -29.64
C HIS B 252 -2.45 2.37 -30.62
N PRO B 253 -2.28 3.60 -30.12
CA PRO B 253 -2.16 4.75 -31.03
C PRO B 253 -0.91 4.73 -31.91
N LYS B 254 0.15 4.03 -31.51
CA LYS B 254 1.35 3.96 -32.33
C LYS B 254 1.62 2.57 -32.90
N PHE B 255 1.23 1.51 -32.20
CA PHE B 255 1.58 0.14 -32.58
C PHE B 255 0.40 -0.46 -33.36
N ASP B 256 0.60 -0.63 -34.67
CA ASP B 256 -0.42 -1.18 -35.55
C ASP B 256 -0.73 -2.63 -35.21
N TRP B 257 0.23 -3.37 -34.65
CA TRP B 257 0.03 -4.79 -34.38
C TRP B 257 -0.78 -5.05 -33.12
N PHE B 258 -1.03 -4.03 -32.31
CA PHE B 258 -1.72 -4.26 -31.03
C PHE B 258 -3.13 -4.79 -31.24
N LYS B 259 -3.85 -4.25 -32.24
CA LYS B 259 -5.21 -4.72 -32.50
C LYS B 259 -5.22 -6.23 -32.77
N ASP B 260 -4.17 -6.74 -33.39
CA ASP B 260 -4.12 -8.16 -33.75
C ASP B 260 -3.95 -9.06 -32.53
N LEU B 261 -3.69 -8.50 -31.35
CA LEU B 261 -3.78 -9.31 -30.13
C LEU B 261 -5.19 -9.78 -29.84
N GLY B 262 -6.20 -9.18 -30.48
CA GLY B 262 -7.57 -9.64 -30.32
C GLY B 262 -8.21 -9.28 -29.01
N LEU B 263 -7.85 -8.16 -28.42
CA LEU B 263 -8.35 -7.80 -27.11
C LEU B 263 -9.54 -6.84 -27.22
N LYS B 264 -10.48 -6.99 -26.30
CA LYS B 264 -11.54 -6.02 -26.10
C LYS B 264 -11.89 -6.03 -24.62
N TRP B 265 -12.66 -5.05 -24.20
CA TRP B 265 -13.17 -5.08 -22.83
C TRP B 265 -14.54 -4.44 -22.80
N TYR B 266 -15.29 -4.75 -21.75
CA TYR B 266 -16.60 -4.12 -21.58
C TYR B 266 -16.44 -2.74 -20.97
N GLY B 267 -17.41 -1.87 -21.27
CA GLY B 267 -17.35 -0.49 -20.81
C GLY B 267 -17.83 -0.26 -19.39
N LEU B 268 -18.70 -1.11 -18.86
CA LEU B 268 -19.45 -0.80 -17.64
C LEU B 268 -18.99 -1.64 -16.45
N PRO B 269 -18.27 -1.07 -15.48
CA PRO B 269 -17.91 -1.81 -14.26
C PRO B 269 -19.08 -1.76 -13.27
N ALA B 270 -19.59 -2.93 -12.88
CA ALA B 270 -20.84 -2.99 -12.11
C ALA B 270 -20.70 -4.09 -11.06
N VAL B 271 -20.48 -3.70 -9.81
CA VAL B 271 -20.24 -4.66 -8.74
C VAL B 271 -21.56 -5.16 -8.20
N SER B 272 -21.71 -6.48 -8.13
CA SER B 272 -23.02 -7.05 -7.79
C SER B 272 -22.99 -8.07 -6.66
N ASN B 273 -21.86 -8.26 -5.98
CA ASN B 273 -21.81 -9.26 -4.92
C ASN B 273 -21.75 -8.67 -3.52
N MET B 274 -21.91 -7.35 -3.38
CA MET B 274 -21.73 -6.73 -2.07
C MET B 274 -23.07 -6.50 -1.39
N LEU B 275 -23.00 -6.27 -0.08
CA LEU B 275 -24.17 -6.05 0.77
C LEU B 275 -24.19 -4.60 1.22
N LEU B 276 -25.35 -3.96 1.08
CA LEU B 276 -25.54 -2.56 1.47
C LEU B 276 -26.23 -2.53 2.84
N GLU B 277 -25.57 -1.93 3.83
CA GLU B 277 -26.17 -1.79 5.15
C GLU B 277 -26.61 -0.35 5.36
N ILE B 278 -27.92 -0.16 5.57
CA ILE B 278 -28.49 1.15 5.87
C ILE B 278 -29.34 1.01 7.12
N GLY B 279 -29.00 1.77 8.15
CA GLY B 279 -29.80 1.80 9.37
C GLY B 279 -30.06 0.43 9.97
N GLY B 280 -29.08 -0.48 9.86
CA GLY B 280 -29.25 -1.82 10.35
C GLY B 280 -29.94 -2.78 9.40
N LEU B 281 -30.57 -2.28 8.34
CA LEU B 281 -31.15 -3.15 7.32
C LEU B 281 -30.07 -3.62 6.35
N GLU B 282 -30.26 -4.82 5.78
CA GLU B 282 -29.26 -5.49 4.96
C GLU B 282 -29.82 -5.74 3.57
N PHE B 283 -29.28 -5.03 2.57
CA PHE B 283 -29.66 -5.22 1.16
C PHE B 283 -28.58 -6.07 0.49
N SER B 284 -28.87 -7.38 0.39
CA SER B 284 -27.95 -8.41 -0.08
C SER B 284 -27.80 -8.42 -1.59
N ALA B 285 -28.67 -7.70 -2.30
CA ALA B 285 -28.57 -7.55 -3.75
C ALA B 285 -28.75 -6.07 -4.05
N CYS B 286 -27.67 -5.44 -4.46
CA CYS B 286 -27.62 -4.00 -4.65
C CYS B 286 -26.60 -3.63 -5.73
N PRO B 287 -26.66 -4.18 -6.94
CA PRO B 287 -25.63 -3.86 -7.93
C PRO B 287 -25.47 -2.37 -8.14
N PHE B 288 -24.20 -1.95 -8.23
CA PHE B 288 -23.88 -0.55 -8.48
C PHE B 288 -22.79 -0.46 -9.53
N SER B 289 -22.76 0.67 -10.25
CA SER B 289 -21.90 0.81 -11.41
C SER B 289 -21.40 2.25 -11.49
N GLY B 290 -20.18 2.40 -12.01
CA GLY B 290 -19.66 3.72 -12.31
C GLY B 290 -19.05 3.72 -13.69
N TRP B 291 -17.78 4.12 -13.79
CA TRP B 291 -16.97 3.98 -15.00
C TRP B 291 -15.55 3.57 -14.58
N TYR B 292 -14.80 3.06 -15.55
CA TYR B 292 -13.51 2.44 -15.20
C TYR B 292 -12.42 3.49 -14.99
N MET B 293 -11.50 3.18 -14.08
CA MET B 293 -10.16 3.77 -14.11
C MET B 293 -9.28 2.85 -14.94
N GLY B 294 -8.45 3.45 -15.81
CA GLY B 294 -7.77 2.68 -16.85
C GLY B 294 -6.99 1.49 -16.31
N THR B 295 -6.35 1.65 -15.15
CA THR B 295 -5.48 0.61 -14.60
C THR B 295 -6.25 -0.64 -14.18
N GLU B 296 -7.56 -0.52 -13.88
CA GLU B 296 -8.30 -1.73 -13.56
C GLU B 296 -8.20 -2.73 -14.71
N ILE B 297 -8.35 -2.24 -15.94
CA ILE B 297 -8.24 -3.10 -17.11
C ILE B 297 -6.77 -3.36 -17.47
N GLY B 298 -6.03 -2.28 -17.75
CA GLY B 298 -4.72 -2.44 -18.37
C GLY B 298 -3.65 -3.02 -17.44
N VAL B 299 -3.79 -2.83 -16.14
CA VAL B 299 -2.82 -3.36 -15.18
C VAL B 299 -3.30 -4.68 -14.60
N ARG B 300 -4.47 -4.68 -13.97
CA ARG B 300 -4.95 -5.85 -13.25
C ARG B 300 -5.56 -6.89 -14.19
N ASP B 301 -6.61 -6.51 -14.94
CA ASP B 301 -7.32 -7.47 -15.79
C ASP B 301 -6.41 -8.09 -16.84
N TYR B 302 -5.57 -7.28 -17.48
CA TYR B 302 -4.76 -7.79 -18.57
C TYR B 302 -3.42 -8.36 -18.12
N CYS B 303 -2.85 -7.85 -17.02
CA CYS B 303 -1.45 -8.12 -16.72
C CYS B 303 -1.18 -8.91 -15.45
N ASP B 304 -2.14 -9.03 -14.53
CA ASP B 304 -1.99 -9.99 -13.44
C ASP B 304 -1.62 -11.36 -14.00
N ASN B 305 -0.74 -12.08 -13.28
CA ASN B 305 -0.39 -13.42 -13.72
C ASN B 305 -1.61 -14.36 -13.69
N SER B 306 -2.54 -14.12 -12.79
CA SER B 306 -3.70 -14.98 -12.63
CA SER B 306 -3.73 -14.93 -12.58
C SER B 306 -4.90 -14.50 -13.45
N ARG B 307 -4.69 -13.57 -14.39
CA ARG B 307 -5.78 -13.08 -15.24
C ARG B 307 -5.42 -13.31 -16.71
N TYR B 308 -5.63 -12.34 -17.59
CA TYR B 308 -5.35 -12.60 -19.00
C TYR B 308 -3.86 -12.72 -19.27
N ASN B 309 -3.02 -12.04 -18.48
CA ASN B 309 -1.59 -12.29 -18.44
C ASN B 309 -0.94 -12.11 -19.83
N ILE B 310 -1.03 -10.89 -20.36
CA ILE B 310 -0.58 -10.64 -21.73
C ILE B 310 0.78 -9.97 -21.79
N LEU B 311 1.46 -9.81 -20.65
CA LEU B 311 2.71 -9.06 -20.65
C LEU B 311 3.72 -9.69 -21.62
N GLU B 312 3.78 -11.01 -21.65
CA GLU B 312 4.75 -11.70 -22.52
C GLU B 312 4.51 -11.37 -23.99
N GLU B 313 3.28 -11.66 -24.46
CA GLU B 313 2.92 -11.40 -25.85
C GLU B 313 3.26 -9.97 -26.24
N VAL B 314 2.76 -9.00 -25.48
CA VAL B 314 3.04 -7.61 -25.80
C VAL B 314 4.55 -7.36 -25.82
N ALA B 315 5.28 -7.90 -24.85
CA ALA B 315 6.72 -7.68 -24.78
C ALA B 315 7.45 -8.37 -25.93
N LYS B 316 6.98 -9.56 -26.34
CA LYS B 316 7.51 -10.21 -27.52
C LYS B 316 7.44 -9.28 -28.73
N LYS B 317 6.23 -8.81 -29.04
CA LYS B 317 5.97 -8.03 -30.24
C LYS B 317 6.60 -6.64 -30.19
N MET B 318 6.88 -6.12 -29.00
CA MET B 318 7.73 -4.93 -28.89
C MET B 318 9.19 -5.25 -29.08
N ASP B 319 9.56 -6.54 -29.08
CA ASP B 319 10.95 -6.99 -29.15
C ASP B 319 11.79 -6.35 -28.05
N LEU B 320 11.29 -6.46 -26.82
CA LEU B 320 12.06 -6.01 -25.67
C LEU B 320 13.04 -7.11 -25.27
N ASP B 321 14.11 -6.70 -24.59
CA ASP B 321 15.06 -7.65 -24.03
C ASP B 321 14.40 -8.36 -22.86
N MET B 322 13.94 -9.60 -23.08
CA MET B 322 13.17 -10.33 -22.09
C MET B 322 14.00 -11.32 -21.27
N ARG B 323 15.33 -11.28 -21.37
CA ARG B 323 16.11 -12.35 -20.75
C ARG B 323 16.33 -12.12 -19.25
N LYS B 324 16.60 -10.90 -18.82
CA LYS B 324 16.63 -10.60 -17.39
C LYS B 324 15.64 -9.48 -17.06
N THR B 325 15.07 -9.56 -15.86
CA THR B 325 14.04 -8.61 -15.47
C THR B 325 14.57 -7.18 -15.33
N SER B 326 15.89 -7.00 -15.14
CA SER B 326 16.40 -5.65 -14.94
C SER B 326 16.39 -4.82 -16.22
N SER B 327 15.99 -5.39 -17.37
CA SER B 327 15.65 -4.57 -18.53
C SER B 327 14.36 -3.80 -18.33
N LEU B 328 13.60 -4.13 -17.28
CA LEU B 328 12.27 -3.55 -17.02
C LEU B 328 11.32 -3.74 -18.20
N TRP B 329 11.48 -4.86 -18.91
CA TRP B 329 10.61 -5.15 -20.04
C TRP B 329 9.16 -5.29 -19.61
N LYS B 330 8.90 -5.79 -18.40
CA LYS B 330 7.52 -5.87 -17.92
C LYS B 330 6.95 -4.47 -17.69
N ASP B 331 7.72 -3.60 -17.05
CA ASP B 331 7.27 -2.23 -16.82
C ASP B 331 7.01 -1.51 -18.15
N GLN B 332 7.85 -1.75 -19.15
CA GLN B 332 7.68 -1.09 -20.43
C GLN B 332 6.42 -1.58 -21.14
N ALA B 333 6.22 -2.90 -21.21
CA ALA B 333 5.00 -3.41 -21.82
C ALA B 333 3.76 -2.97 -21.04
N LEU B 334 3.87 -2.85 -19.71
CA LEU B 334 2.72 -2.48 -18.90
C LEU B 334 2.23 -1.08 -19.25
N VAL B 335 3.16 -0.15 -19.47
CA VAL B 335 2.77 1.22 -19.81
C VAL B 335 2.06 1.24 -21.17
N GLU B 336 2.66 0.58 -22.18
CA GLU B 336 2.04 0.60 -23.51
C GLU B 336 0.63 0.05 -23.49
N ILE B 337 0.39 -1.00 -22.69
CA ILE B 337 -0.94 -1.60 -22.64
C ILE B 337 -1.94 -0.61 -22.05
N ASN B 338 -1.54 0.12 -21.02
CA ASN B 338 -2.45 1.05 -20.37
C ASN B 338 -2.69 2.29 -21.21
N ILE B 339 -1.72 2.69 -22.03
CA ILE B 339 -1.97 3.70 -23.06
C ILE B 339 -3.05 3.23 -24.03
N ALA B 340 -2.95 1.98 -24.48
CA ALA B 340 -3.88 1.50 -25.48
C ALA B 340 -5.31 1.42 -24.93
N VAL B 341 -5.45 1.02 -23.67
CA VAL B 341 -6.78 0.98 -23.03
C VAL B 341 -7.38 2.38 -23.00
N LEU B 342 -6.60 3.36 -22.54
CA LEU B 342 -7.12 4.73 -22.47
C LEU B 342 -7.42 5.26 -23.86
N TYR B 343 -6.52 5.00 -24.81
CA TYR B 343 -6.72 5.46 -26.19
C TYR B 343 -7.98 4.84 -26.79
N SER B 344 -8.20 3.55 -26.54
CA SER B 344 -9.32 2.86 -27.17
C SER B 344 -10.65 3.36 -26.62
N PHE B 345 -10.77 3.49 -25.29
CA PHE B 345 -12.02 3.99 -24.70
C PHE B 345 -12.30 5.42 -25.15
N GLN B 346 -11.27 6.27 -25.18
CA GLN B 346 -11.48 7.66 -25.56
C GLN B 346 -11.88 7.78 -27.02
N SER B 347 -11.29 6.95 -27.89
CA SER B 347 -11.59 7.01 -29.31
C SER B 347 -13.03 6.60 -29.59
N ASP B 348 -13.57 5.66 -28.81
CA ASP B 348 -14.95 5.25 -28.94
C ASP B 348 -15.88 6.07 -28.06
N LYS B 349 -15.35 7.11 -27.40
CA LYS B 349 -16.15 8.03 -26.59
C LYS B 349 -16.90 7.27 -25.50
N VAL B 350 -16.19 6.34 -24.86
CA VAL B 350 -16.67 5.63 -23.69
C VAL B 350 -15.94 6.19 -22.48
N THR B 351 -16.69 6.53 -21.44
CA THR B 351 -16.12 7.19 -20.27
C THR B 351 -15.06 6.33 -19.60
N ILE B 352 -13.92 6.94 -19.30
CA ILE B 352 -12.83 6.28 -18.59
C ILE B 352 -11.96 7.39 -18.00
N VAL B 353 -11.24 7.08 -16.92
CA VAL B 353 -10.39 8.08 -16.28
C VAL B 353 -9.02 7.45 -16.05
N ASP B 354 -7.97 8.19 -16.35
CA ASP B 354 -6.62 7.68 -16.07
C ASP B 354 -6.30 7.85 -14.59
N HIS B 355 -5.29 7.09 -14.13
CA HIS B 355 -4.98 7.06 -12.71
C HIS B 355 -4.41 8.39 -12.21
N HIS B 356 -3.82 9.19 -13.08
CA HIS B 356 -3.35 10.51 -12.66
C HIS B 356 -4.53 11.44 -12.35
N SER B 357 -5.48 11.55 -13.28
CA SER B 357 -6.65 12.39 -13.05
CA SER B 357 -6.66 12.38 -13.07
C SER B 357 -7.46 11.89 -11.86
N ALA B 358 -7.63 10.58 -11.74
CA ALA B 358 -8.46 10.01 -10.69
C ALA B 358 -7.87 10.25 -9.29
N THR B 359 -6.54 10.16 -9.16
CA THR B 359 -5.95 10.36 -7.85
C THR B 359 -5.90 11.84 -7.48
N GLU B 360 -5.67 12.70 -8.47
CA GLU B 360 -5.74 14.14 -8.22
C GLU B 360 -7.13 14.53 -7.74
N SER B 361 -8.17 14.02 -8.40
CA SER B 361 -9.54 14.34 -7.97
C SER B 361 -9.80 13.81 -6.56
N PHE B 362 -9.29 12.63 -6.25
CA PHE B 362 -9.54 12.07 -4.92
C PHE B 362 -8.92 12.94 -3.82
N ILE B 363 -7.70 13.44 -4.04
CA ILE B 363 -7.08 14.32 -3.06
C ILE B 363 -7.92 15.57 -2.83
N LYS B 364 -8.39 16.20 -3.92
CA LYS B 364 -9.29 17.34 -3.76
C LYS B 364 -10.55 16.94 -2.99
N HIS B 365 -11.13 15.79 -3.34
CA HIS B 365 -12.28 15.28 -2.58
C HIS B 365 -11.92 15.08 -1.11
N MET B 366 -10.77 14.45 -0.84
CA MET B 366 -10.42 14.18 0.54
C MET B 366 -10.26 15.48 1.33
N GLU B 367 -9.57 16.47 0.76
CA GLU B 367 -9.38 17.73 1.47
C GLU B 367 -10.73 18.41 1.72
N ASN B 368 -11.64 18.33 0.75
CA ASN B 368 -12.97 18.93 0.93
C ASN B 368 -13.73 18.23 2.05
N GLU B 369 -13.64 16.90 2.09
CA GLU B 369 -14.33 16.13 3.13
C GLU B 369 -13.78 16.46 4.51
N TYR B 370 -12.46 16.62 4.65
CA TYR B 370 -11.91 17.04 5.93
C TYR B 370 -12.46 18.39 6.34
N ARG B 371 -12.58 19.33 5.40
CA ARG B 371 -13.10 20.65 5.70
C ARG B 371 -14.55 20.57 6.16
N CYS B 372 -15.42 20.00 5.33
CA CYS B 372 -16.85 20.09 5.56
C CYS B 372 -17.40 18.94 6.41
N ARG B 373 -16.72 17.80 6.45
CA ARG B 373 -17.22 16.64 7.19
C ARG B 373 -16.35 16.24 8.36
N GLY B 374 -15.12 16.75 8.47
CA GLY B 374 -14.23 16.37 9.55
C GLY B 374 -13.39 15.14 9.29
N GLY B 375 -13.42 14.60 8.08
CA GLY B 375 -12.63 13.44 7.75
C GLY B 375 -13.10 12.78 6.48
N CYS B 376 -12.32 11.80 6.05
CA CYS B 376 -12.60 10.99 4.88
C CYS B 376 -11.89 9.65 5.07
N PRO B 377 -12.59 8.62 5.51
CA PRO B 377 -11.91 7.32 5.72
C PRO B 377 -11.41 6.77 4.39
N ALA B 378 -10.17 6.29 4.40
CA ALA B 378 -9.53 5.92 3.16
C ALA B 378 -8.51 4.81 3.43
N ASP B 379 -8.50 3.82 2.53
CA ASP B 379 -7.64 2.64 2.60
C ASP B 379 -6.48 2.84 1.62
N TRP B 380 -5.33 3.30 2.13
CA TRP B 380 -4.21 3.60 1.25
C TRP B 380 -3.87 2.40 0.36
N VAL B 381 -3.93 1.20 0.93
CA VAL B 381 -3.53 0.00 0.21
C VAL B 381 -4.36 -0.17 -1.06
N TRP B 382 -5.64 0.22 -1.04
CA TRP B 382 -6.45 0.13 -2.25
C TRP B 382 -6.48 1.41 -3.08
N ILE B 383 -6.34 2.57 -2.45
CA ILE B 383 -6.45 3.85 -3.15
C ILE B 383 -5.27 4.04 -4.11
N VAL B 384 -4.07 3.70 -3.68
CA VAL B 384 -2.88 3.87 -4.52
C VAL B 384 -2.93 2.94 -5.73
N PRO B 385 -2.83 3.48 -6.95
CA PRO B 385 -3.00 2.66 -8.18
C PRO B 385 -1.92 1.60 -8.32
N PRO B 386 -2.21 0.53 -9.05
CA PRO B 386 -1.31 -0.63 -9.14
C PRO B 386 -0.15 -0.47 -10.12
N MET B 387 0.00 0.70 -10.75
CA MET B 387 1.25 1.08 -11.40
C MET B 387 1.58 2.52 -11.05
N SER B 388 2.88 2.84 -11.16
CA SER B 388 3.35 4.22 -11.05
C SER B 388 2.92 4.87 -9.75
N GLY B 389 2.87 4.08 -8.67
CA GLY B 389 2.25 4.55 -7.45
C GLY B 389 2.74 5.91 -6.98
N SER B 390 4.06 6.10 -6.92
CA SER B 390 4.53 7.30 -6.23
C SER B 390 4.58 8.53 -7.13
N ILE B 391 4.25 8.43 -8.41
CA ILE B 391 4.09 9.64 -9.22
C ILE B 391 2.64 10.10 -9.22
N THR B 392 1.77 9.44 -8.44
CA THR B 392 0.44 9.95 -8.16
C THR B 392 0.41 10.54 -6.76
N PRO B 393 -0.39 11.60 -6.52
CA PRO B 393 -0.34 12.27 -5.22
C PRO B 393 -0.90 11.46 -4.06
N VAL B 394 -1.70 10.42 -4.30
CA VAL B 394 -2.20 9.67 -3.14
C VAL B 394 -1.08 8.88 -2.45
N PHE B 395 0.00 8.53 -3.17
CA PHE B 395 1.09 7.78 -2.54
C PHE B 395 1.62 8.52 -1.33
N HIS B 396 1.73 9.84 -1.43
CA HIS B 396 2.37 10.64 -0.40
C HIS B 396 1.42 11.12 0.68
N GLN B 397 0.14 10.77 0.57
CA GLN B 397 -0.90 11.23 1.48
C GLN B 397 -1.12 10.20 2.58
N GLU B 398 -0.94 10.61 3.82
CA GLU B 398 -1.34 9.77 4.94
C GLU B 398 -2.88 9.69 4.98
N MET B 399 -3.40 8.51 5.31
CA MET B 399 -4.83 8.27 5.33
C MET B 399 -5.18 7.49 6.58
N LEU B 400 -6.36 7.76 7.12
CA LEU B 400 -6.91 7.00 8.22
C LEU B 400 -8.03 6.13 7.68
N ASN B 401 -8.04 4.86 8.08
CA ASN B 401 -9.07 3.92 7.64
C ASN B 401 -9.94 3.55 8.83
N TYR B 402 -11.25 3.74 8.68
CA TYR B 402 -12.20 3.36 9.72
C TYR B 402 -13.54 3.15 9.06
N ARG B 403 -14.46 2.49 9.76
CA ARG B 403 -15.73 2.11 9.16
C ARG B 403 -16.84 3.06 9.63
N LEU B 404 -17.51 3.66 8.67
CA LEU B 404 -18.71 4.45 8.90
C LEU B 404 -19.90 3.73 8.28
N THR B 405 -21.08 3.83 8.92
CA THR B 405 -22.29 3.39 8.24
C THR B 405 -23.12 4.60 7.82
N PRO B 406 -23.93 4.47 6.76
CA PRO B 406 -24.18 3.31 5.88
C PRO B 406 -22.93 2.79 5.18
N SER B 407 -22.91 1.52 4.77
CA SER B 407 -21.70 0.94 4.21
C SER B 407 -22.03 -0.18 3.23
N PHE B 408 -21.07 -0.43 2.35
CA PHE B 408 -20.99 -1.63 1.54
C PHE B 408 -20.07 -2.64 2.22
N GLU B 409 -20.54 -3.88 2.33
CA GLU B 409 -19.79 -4.94 2.98
C GLU B 409 -19.64 -6.13 2.04
N TYR B 410 -18.65 -6.95 2.32
CA TYR B 410 -18.53 -8.24 1.68
C TYR B 410 -19.53 -9.21 2.28
N GLN B 411 -19.90 -10.21 1.51
CA GLN B 411 -20.77 -11.26 2.01
C GLN B 411 -20.32 -12.56 1.39
N PRO B 412 -20.68 -13.70 1.97
CA PRO B 412 -20.24 -14.97 1.41
C PRO B 412 -20.81 -15.18 0.02
N ASP B 413 -20.09 -15.96 -0.78
CA ASP B 413 -20.63 -16.31 -2.08
C ASP B 413 -21.87 -17.18 -1.88
N PRO B 414 -22.95 -16.94 -2.63
CA PRO B 414 -24.20 -17.63 -2.33
C PRO B 414 -24.16 -19.13 -2.57
N TRP B 415 -23.35 -19.60 -3.52
CA TRP B 415 -23.28 -21.03 -3.74
C TRP B 415 -22.67 -21.78 -2.56
N ASN B 416 -22.01 -21.07 -1.64
CA ASN B 416 -21.48 -21.71 -0.45
C ASN B 416 -22.52 -21.81 0.66
N THR B 417 -23.54 -20.97 0.64
CA THR B 417 -24.53 -20.94 1.71
C THR B 417 -25.93 -21.36 1.30
N HIS B 418 -26.22 -21.40 0.00
CA HIS B 418 -27.60 -21.62 -0.45
C HIS B 418 -28.05 -23.04 -0.17
N VAL B 419 -29.22 -23.17 0.44
CA VAL B 419 -29.88 -24.46 0.58
C VAL B 419 -30.70 -24.68 -0.68
N TRP B 420 -30.27 -25.63 -1.52
CA TRP B 420 -30.92 -25.82 -2.81
C TRP B 420 -32.31 -26.42 -2.64
N LYS B 421 -33.25 -25.89 -3.41
CA LYS B 421 -34.62 -26.38 -3.43
C LYS B 421 -34.79 -27.58 -4.36
N GLY B 422 -34.03 -27.63 -5.45
CA GLY B 422 -34.09 -28.75 -6.37
C GLY B 422 -34.99 -28.53 -7.57
CHA HEM C . 14.07 0.07 4.41
CHB HEM C . 16.04 -2.48 0.80
CHC HEM C . 19.71 -3.59 3.71
CHD HEM C . 17.21 -1.94 7.53
C1A HEM C . 14.37 -0.40 3.15
C2A HEM C . 13.79 0.06 1.91
C3A HEM C . 14.32 -0.63 0.90
C4A HEM C . 15.27 -1.57 1.47
CMA HEM C . 13.96 -0.46 -0.60
CAA HEM C . 12.74 1.18 1.81
CBA HEM C . 13.55 2.44 2.11
CGA HEM C . 12.84 3.68 1.62
O1A HEM C . 11.88 3.52 0.83
O2A HEM C . 13.24 4.80 2.04
C1B HEM C . 17.22 -2.99 1.27
C2B HEM C . 18.15 -3.76 0.48
C3B HEM C . 19.18 -4.09 1.26
C4B HEM C . 18.93 -3.52 2.59
CMB HEM C . 17.99 -4.15 -1.01
CAB HEM C . 20.39 -4.92 0.77
CBB HEM C . 21.26 -5.49 1.59
C1C HEM C . 19.35 -3.25 5.00
C2C HEM C . 20.21 -3.42 6.17
C3C HEM C . 19.52 -2.96 7.24
C4C HEM C . 18.22 -2.48 6.77
CMC HEM C . 21.62 -4.03 6.07
CAC HEM C . 19.94 -2.93 8.73
CBC HEM C . 21.03 -3.55 9.17
C1D HEM C . 16.15 -1.21 7.02
C2D HEM C . 15.21 -0.40 7.77
C3D HEM C . 14.34 0.14 6.91
C4D HEM C . 14.72 -0.29 5.57
CMD HEM C . 15.20 -0.23 9.31
CAD HEM C . 13.16 1.08 7.25
CBD HEM C . 13.74 2.48 7.09
CGD HEM C . 12.78 3.58 7.44
O1D HEM C . 11.81 3.33 8.20
O2D HEM C . 13.00 4.72 6.94
NA HEM C . 15.28 -1.40 2.84
NB HEM C . 17.72 -2.86 2.54
NC HEM C . 18.21 -2.64 5.42
ND HEM C . 15.81 -1.12 5.67
FE HEM C . 16.53 -2.36 4.20
N1 H4B D . 7.32 3.21 0.96
C2 H4B D . 8.66 3.28 1.00
N2 H4B D . 9.38 2.18 0.69
N3 H4B D . 9.28 4.43 1.33
C4 H4B D . 8.56 5.54 1.63
O4 H4B D . 9.16 6.59 1.94
C4A H4B D . 7.16 5.48 1.60
C8A H4B D . 6.56 4.29 1.26
N5 H4B D . 6.40 6.56 1.89
N8 H4B D . 5.21 4.17 1.20
C6 H4B D . 5.03 6.31 2.33
C7 H4B D . 4.32 5.29 1.46
C9 H4B D . 4.18 7.58 2.43
O9 H4B D . 4.15 8.28 1.18
C10 H4B D . 2.74 7.27 2.85
C11 H4B D . 2.04 8.56 3.23
O10 H4B D . 2.73 6.39 3.98
C02 XVZ E . 18.60 0.49 1.08
C03 XVZ E . 19.42 -0.04 2.10
C04 XVZ E . 19.53 0.64 3.30
C05 XVZ E . 18.83 1.83 3.47
C06 XVZ E . 18.01 2.32 2.44
C07 XVZ E . 20.42 0.10 4.42
C08 XVZ E . 17.27 3.62 2.62
C09 XVZ E . 18.26 4.66 2.07
C11 XVZ E . 17.85 6.12 2.02
C12 XVZ E . 16.59 6.58 2.39
C13 XVZ E . 16.30 7.96 2.32
C14 XVZ E . 17.28 8.84 1.86
C15 XVZ E . 18.53 8.38 1.50
C16 XVZ E . 18.81 7.03 1.58
C17 XVZ E . 14.94 8.50 2.69
C18 XVZ E . 14.30 7.67 3.80
F15 XVZ E . 19.46 9.25 1.07
F16 XVZ E . 20.04 6.59 1.23
N01 XVZ E . 17.93 1.65 1.28
N02 XVZ E . 18.48 -0.16 -0.10
N19 XVZ E . 12.97 8.18 4.14
C ACT F . 18.40 -8.42 -2.29
O ACT F . 19.33 -8.20 -3.11
CH3 ACT F . 18.54 -7.90 -0.88
ZN ZN G . -3.83 -1.13 10.94
CHA HEM H . -13.58 0.30 -5.43
CHB HEM H . -13.06 3.72 -8.82
CHC HEM H . -17.87 4.39 -8.70
CHD HEM H . -18.05 1.94 -4.56
C1A HEM H . -13.09 1.03 -6.49
C2A HEM H . -11.87 0.77 -7.23
C3A HEM H . -11.74 1.70 -8.17
C4A HEM H . -12.85 2.61 -8.05
CMA HEM H . -10.61 1.86 -9.20
CAA HEM H . -10.95 -0.43 -6.96
CBA HEM H . -11.51 -1.59 -7.78
CGA HEM H . -10.66 -2.81 -7.59
O1A HEM H . -9.42 -2.66 -7.43
O2A HEM H . -11.21 -3.95 -7.62
C1B HEM H . -14.32 4.18 -9.11
C2B HEM H . -14.64 5.13 -10.15
C3B HEM H . -15.97 5.32 -10.11
C4B HEM H . -16.53 4.49 -9.05
CMB HEM H . -13.63 5.79 -11.11
CAB HEM H . -16.74 6.26 -11.07
CBB HEM H . -17.94 6.75 -10.76
C1C HEM H . -18.38 3.78 -7.58
C2C HEM H . -19.78 3.69 -7.18
C3C HEM H . -19.81 2.99 -6.03
C4C HEM H . -18.44 2.63 -5.68
CMC HEM H . -20.95 4.29 -7.99
CAC HEM H . -21.00 2.62 -5.12
CBC HEM H . -22.20 3.22 -5.25
C1D HEM H . -16.87 1.23 -4.46
C2D HEM H . -16.58 0.21 -3.48
C3D HEM H . -15.34 -0.25 -3.70
C4D HEM H . -14.82 0.46 -4.86
CMD HEM H . -17.55 -0.26 -2.36
CAD HEM H . -14.59 -1.36 -2.91
CBD HEM H . -14.76 -2.63 -3.73
CGD HEM H . -14.16 -3.84 -3.07
O1D HEM H . -13.92 -3.81 -1.83
O2D HEM H . -13.93 -4.86 -3.79
NA HEM H . -13.65 2.17 -7.02
NB HEM H . -15.47 3.81 -8.44
NC HEM H . -17.64 3.11 -6.66
ND HEM H . -15.77 1.37 -5.28
FE HEM H . -15.57 2.89 -6.59
N1 H4B I . -5.90 -2.40 -4.49
C2 H4B I . -6.96 -2.39 -5.34
N2 H4B I . -7.44 -1.23 -5.84
N3 H4B I . -7.56 -3.55 -5.69
C4 H4B I . -7.13 -4.73 -5.22
O4 H4B I . -7.71 -5.79 -5.57
C4A H4B I . -6.05 -4.77 -4.34
C8A H4B I . -5.44 -3.57 -3.99
N5 H4B I . -5.59 -5.93 -3.83
N8 H4B I . -4.37 -3.54 -3.13
C6 H4B I . -4.84 -5.87 -2.59
C7 H4B I . -3.78 -4.77 -2.65
C9 H4B I . -4.16 -7.19 -2.25
O9 H4B I . -3.32 -7.64 -3.31
C10 H4B I . -3.37 -7.04 -0.95
C11 H4B I . -2.89 -8.40 -0.47
O10 H4B I . -4.21 -6.45 0.03
C02 XVZ J . -14.97 1.11 -10.87
C03 XVZ J . -16.27 1.44 -10.49
C04 XVZ J . -17.05 0.52 -9.81
C05 XVZ J . -16.52 -0.73 -9.51
C06 XVZ J . -15.20 -1.04 -9.90
C07 XVZ J . -18.47 0.86 -9.39
C08 XVZ J . -14.63 -2.42 -9.60
C09 XVZ J . -15.13 -3.28 -10.77
C11 XVZ J . -14.61 -4.70 -10.90
C12 XVZ J . -13.67 -5.24 -10.01
C13 XVZ J . -13.23 -6.55 -10.18
C14 XVZ J . -13.72 -7.32 -11.22
C15 XVZ J . -14.65 -6.79 -12.10
C16 XVZ J . -15.08 -5.49 -11.94
C17 XVZ J . -12.21 -7.15 -9.23
C18 XVZ J . -12.75 -7.15 -7.81
F15 XVZ J . -15.13 -7.53 -13.12
F16 XVZ J . -16.00 -5.01 -12.81
N01 XVZ J . -14.47 -0.12 -10.57
N02 XVZ J . -14.21 2.01 -11.54
N19 XVZ J . -11.72 -7.61 -6.87
C ACT K . -12.79 10.70 -11.24
O ACT K . -12.11 11.59 -11.79
OXT ACT K . -13.57 9.97 -11.89
CH3 ACT K . -12.50 10.40 -9.80
#